data_5TNE
#
_entry.id   5TNE
#
_cell.length_a   167.944
_cell.length_b   83.690
_cell.length_c   89.175
_cell.angle_alpha   90.00
_cell.angle_beta   100.31
_cell.angle_gamma   90.00
#
_symmetry.space_group_name_H-M   'C 1 2 1'
#
loop_
_entity.id
_entity.type
_entity.pdbx_description
1 polymer 'CFTR inhibitory factor'
2 non-polymer (1R,2R)-1,2-diphenylethane-1,2-diol
3 water water
#
_entity_poly.entity_id   1
_entity_poly.type   'polypeptide(L)'
_entity_poly.pdbx_seq_one_letter_code
;AEEFPVPNGFESAYREVDGVKLHYVKGGQGPLVMLVHGFGQTWYEWHQLMPELAKRFTVIAPDLPGLGQSEPPKTGYSGE
QVAVYLHKLARQFSPDRPFDLVAHDIGIWNTYPMVVKNQADIARLVYMQAPIPDARIYRFPAFTAQGESLVWHFSFFAAD
DRLAETLIAGKERFFLEHFIKSHASNTEVFSERLLDLYARSYAKPHSLNASFEYYRALNESVRQNAELAKTRLQMPTMTL
AGGGHGGMGTFQLEQMKAYAEDVEGHVLPGCGHWLPEECAAPMNRLVIDFLSRGRHHHHHH
;
_entity_poly.pdbx_strand_id   A,B,C,D
#
loop_
_chem_comp.id
_chem_comp.type
_chem_comp.name
_chem_comp.formula
7F6 non-polymer (1R,2R)-1,2-diphenylethane-1,2-diol 'C14 H14 O2'
#
# COMPACT_ATOMS: atom_id res chain seq x y z
N ALA A 1 -18.59 10.81 -25.69
CA ALA A 1 -17.97 9.73 -24.94
C ALA A 1 -17.92 10.06 -23.44
N GLU A 2 -17.86 9.03 -22.61
CA GLU A 2 -17.83 9.21 -21.16
C GLU A 2 -16.60 8.50 -20.61
N GLU A 3 -15.75 9.25 -19.90
CA GLU A 3 -14.58 8.64 -19.30
C GLU A 3 -14.93 7.69 -18.16
N PHE A 4 -16.04 7.92 -17.45
CA PHE A 4 -16.46 7.12 -16.31
C PHE A 4 -17.95 6.83 -16.41
N PRO A 5 -18.40 5.68 -15.92
CA PRO A 5 -19.82 5.34 -16.06
C PRO A 5 -20.70 6.23 -15.19
N VAL A 6 -21.76 6.75 -15.80
CA VAL A 6 -22.69 7.65 -15.10
C VAL A 6 -23.65 6.80 -14.27
N PRO A 7 -23.91 7.15 -13.01
CA PRO A 7 -24.88 6.38 -12.23
C PRO A 7 -26.26 6.43 -12.88
N ASN A 8 -27.02 5.34 -12.67
CA ASN A 8 -28.36 5.28 -13.21
C ASN A 8 -29.18 6.48 -12.76
N GLY A 9 -29.86 7.12 -13.71
CA GLY A 9 -30.70 8.26 -13.41
C GLY A 9 -30.01 9.60 -13.46
N PHE A 10 -28.70 9.63 -13.66
CA PHE A 10 -27.94 10.86 -13.76
C PHE A 10 -27.67 11.17 -15.23
N GLU A 11 -27.31 12.43 -15.50
CA GLU A 11 -26.97 12.83 -16.85
C GLU A 11 -25.56 13.44 -16.85
N SER A 12 -24.82 13.15 -17.91
CA SER A 12 -23.53 13.77 -18.17
C SER A 12 -23.76 14.89 -19.19
N ALA A 13 -23.31 16.10 -18.86
CA ALA A 13 -23.62 17.25 -19.68
C ALA A 13 -22.47 18.26 -19.58
N TYR A 14 -22.58 19.33 -20.36
CA TYR A 14 -21.56 20.37 -20.39
C TYR A 14 -22.22 21.73 -20.30
N ARG A 15 -21.53 22.68 -19.68
CA ARG A 15 -22.02 24.05 -19.62
C ARG A 15 -20.86 25.00 -19.86
N GLU A 16 -21.03 25.91 -20.81
CA GLU A 16 -20.02 26.93 -21.08
C GLU A 16 -20.11 28.01 -20.01
N VAL A 17 -18.99 28.28 -19.34
CA VAL A 17 -18.93 29.29 -18.28
C VAL A 17 -17.73 30.17 -18.58
N ASP A 18 -17.99 31.44 -18.86
CA ASP A 18 -16.91 32.39 -19.19
C ASP A 18 -15.95 31.81 -20.24
N GLY A 19 -16.52 31.25 -21.30
CA GLY A 19 -15.73 30.72 -22.41
C GLY A 19 -15.07 29.39 -22.18
N VAL A 20 -15.37 28.71 -21.07
CA VAL A 20 -14.77 27.43 -20.74
C VAL A 20 -15.88 26.39 -20.63
N LYS A 21 -15.76 25.31 -21.40
CA LYS A 21 -16.74 24.24 -21.38
C LYS A 21 -16.45 23.31 -20.20
N LEU A 22 -17.37 23.27 -19.24
CA LEU A 22 -17.21 22.46 -18.03
C LEU A 22 -18.08 21.22 -18.14
N HIS A 23 -17.50 20.06 -17.86
CA HIS A 23 -18.27 18.82 -17.80
C HIS A 23 -18.81 18.63 -16.38
N TYR A 24 -20.01 18.07 -16.27
CA TYR A 24 -20.54 17.75 -14.95
C TYR A 24 -21.53 16.59 -15.09
N VAL A 25 -21.79 15.93 -13.96
CA VAL A 25 -22.81 14.90 -13.87
C VAL A 25 -23.86 15.38 -12.88
N LYS A 26 -25.14 15.24 -13.24
CA LYS A 26 -26.20 15.88 -12.46
C LYS A 26 -27.37 14.92 -12.29
N GLY A 27 -27.97 14.93 -11.11
CA GLY A 27 -29.16 14.13 -10.88
C GLY A 27 -29.85 14.55 -9.60
N GLY A 28 -31.06 14.02 -9.42
CA GLY A 28 -31.82 14.27 -8.22
C GLY A 28 -32.72 15.48 -8.32
N GLN A 29 -33.34 15.79 -7.19
CA GLN A 29 -34.28 16.90 -7.07
C GLN A 29 -34.17 17.53 -5.69
N GLY A 30 -34.53 18.80 -5.59
CA GLY A 30 -34.42 19.52 -4.35
C GLY A 30 -33.29 20.52 -4.38
N PRO A 31 -32.94 21.08 -3.22
CA PRO A 31 -31.85 22.07 -3.18
C PRO A 31 -30.56 21.51 -3.76
N LEU A 32 -29.74 22.40 -4.29
CA LEU A 32 -28.52 22.00 -5.00
C LEU A 32 -27.37 21.73 -4.03
N VAL A 33 -26.68 20.61 -4.25
CA VAL A 33 -25.38 20.37 -3.66
C VAL A 33 -24.38 20.15 -4.78
N MET A 34 -23.25 20.85 -4.72
CA MET A 34 -22.17 20.68 -5.67
C MET A 34 -21.02 19.96 -4.98
N LEU A 35 -20.52 18.91 -5.62
CA LEU A 35 -19.41 18.09 -5.11
C LEU A 35 -18.21 18.32 -6.00
N VAL A 36 -17.07 18.70 -5.41
CA VAL A 36 -15.90 19.11 -6.20
C VAL A 36 -14.71 18.23 -5.85
N HIS A 37 -14.25 17.47 -6.85
CA HIS A 37 -13.20 16.47 -6.69
C HIS A 37 -11.82 17.13 -6.57
N GLY A 38 -10.80 16.30 -6.40
CA GLY A 38 -9.44 16.80 -6.28
C GLY A 38 -8.43 16.14 -7.21
N PHE A 39 -7.17 16.27 -6.85
CA PHE A 39 -6.09 15.84 -7.74
C PHE A 39 -6.11 14.34 -7.96
N GLY A 40 -5.81 13.93 -9.20
CA GLY A 40 -5.73 12.52 -9.54
C GLY A 40 -7.05 11.91 -9.86
N GLN A 41 -8.15 12.66 -9.71
CA GLN A 41 -9.48 12.10 -9.83
C GLN A 41 -10.34 13.05 -10.65
N THR A 42 -11.63 12.74 -10.68
CA THR A 42 -12.63 13.47 -11.45
C THR A 42 -13.92 13.42 -10.65
N TRP A 43 -15.02 13.87 -11.28
CA TRP A 43 -16.33 13.76 -10.64
C TRP A 43 -16.60 12.35 -10.11
N TYR A 44 -15.99 11.33 -10.73
CA TYR A 44 -16.30 9.94 -10.43
C TYR A 44 -15.99 9.55 -8.99
N GLU A 45 -15.09 10.27 -8.31
CA GLU A 45 -14.84 9.89 -6.92
C GLU A 45 -16.11 9.99 -6.08
N TRP A 46 -17.09 10.78 -6.52
CA TRP A 46 -18.35 10.94 -5.80
C TRP A 46 -19.42 9.96 -6.22
N HIS A 47 -19.14 9.02 -7.13
CA HIS A 47 -20.25 8.30 -7.77
C HIS A 47 -21.01 7.38 -6.83
N GLN A 48 -20.43 7.00 -5.68
CA GLN A 48 -21.15 6.18 -4.72
C GLN A 48 -22.00 7.02 -3.78
N LEU A 49 -21.57 8.25 -3.50
CA LEU A 49 -22.34 9.17 -2.66
C LEU A 49 -23.49 9.79 -3.42
N MET A 50 -23.33 10.03 -4.73
CA MET A 50 -24.31 10.81 -5.48
C MET A 50 -25.72 10.21 -5.47
N PRO A 51 -25.93 8.91 -5.72
CA PRO A 51 -27.31 8.38 -5.70
C PRO A 51 -27.99 8.57 -4.37
N GLU A 52 -27.26 8.47 -3.27
CA GLU A 52 -27.84 8.66 -1.94
C GLU A 52 -28.25 10.11 -1.72
N LEU A 53 -27.36 11.05 -2.06
CA LEU A 53 -27.70 12.46 -1.95
C LEU A 53 -28.84 12.85 -2.87
N ALA A 54 -28.88 12.26 -4.06
CA ALA A 54 -29.92 12.63 -5.02
C ALA A 54 -31.33 12.24 -4.58
N LYS A 55 -31.48 11.47 -3.50
CA LYS A 55 -32.81 11.24 -2.96
C LYS A 55 -33.38 12.48 -2.28
N ARG A 56 -32.52 13.41 -1.87
CA ARG A 56 -32.92 14.60 -1.12
C ARG A 56 -32.51 15.90 -1.77
N PHE A 57 -31.55 15.87 -2.70
CA PHE A 57 -30.96 17.08 -3.26
C PHE A 57 -30.83 16.93 -4.77
N THR A 58 -30.78 18.06 -5.45
CA THR A 58 -30.18 18.08 -6.79
C THR A 58 -28.67 18.06 -6.63
N VAL A 59 -28.00 17.12 -7.29
CA VAL A 59 -26.57 16.89 -7.09
C VAL A 59 -25.86 17.18 -8.39
N ILE A 60 -24.82 18.03 -8.35
CA ILE A 60 -23.98 18.29 -9.50
CA ILE A 60 -23.98 18.29 -9.50
C ILE A 60 -22.52 18.05 -9.11
N ALA A 61 -21.82 17.28 -9.94
CA ALA A 61 -20.40 16.99 -9.71
C ALA A 61 -19.65 17.40 -10.95
N PRO A 62 -19.00 18.56 -10.95
CA PRO A 62 -18.24 19.00 -12.13
C PRO A 62 -16.83 18.43 -12.15
N ASP A 63 -16.27 18.39 -13.36
CA ASP A 63 -14.83 18.18 -13.52
C ASP A 63 -14.13 19.53 -13.41
N LEU A 64 -13.10 19.59 -12.58
CA LEU A 64 -12.32 20.82 -12.45
C LEU A 64 -11.75 21.22 -13.81
N PRO A 65 -11.60 22.53 -14.05
CA PRO A 65 -11.05 22.97 -15.33
C PRO A 65 -9.76 22.25 -15.69
N GLY A 66 -9.74 21.69 -16.91
CA GLY A 66 -8.59 20.97 -17.42
C GLY A 66 -8.55 19.50 -17.07
N LEU A 67 -9.29 19.08 -16.05
CA LEU A 67 -9.34 17.70 -15.60
C LEU A 67 -10.65 17.05 -16.05
N GLY A 68 -10.66 15.71 -16.01
CA GLY A 68 -11.82 15.01 -16.53
C GLY A 68 -12.12 15.45 -17.95
N GLN A 69 -13.38 15.80 -18.20
CA GLN A 69 -13.82 16.25 -19.52
C GLN A 69 -14.06 17.75 -19.56
N SER A 70 -13.49 18.51 -18.61
CA SER A 70 -13.61 19.97 -18.61
C SER A 70 -12.42 20.62 -19.33
N GLU A 71 -12.72 21.67 -20.09
CA GLU A 71 -11.67 22.44 -20.72
C GLU A 71 -10.81 23.17 -19.69
N PRO A 72 -9.55 23.43 -20.02
CA PRO A 72 -8.70 24.22 -19.13
C PRO A 72 -9.28 25.60 -18.91
N PRO A 73 -8.94 26.23 -17.78
CA PRO A 73 -9.41 27.59 -17.54
C PRO A 73 -8.72 28.55 -18.50
N LYS A 74 -9.41 29.64 -18.80
CA LYS A 74 -8.87 30.68 -19.67
C LYS A 74 -8.18 31.80 -18.89
N THR A 75 -8.57 32.00 -17.64
CA THR A 75 -7.94 33.03 -16.80
C THR A 75 -6.65 32.50 -16.18
N GLY A 76 -6.76 31.47 -15.35
CA GLY A 76 -5.62 30.93 -14.65
C GLY A 76 -6.05 29.84 -13.69
N TYR A 77 -5.08 29.29 -12.97
CA TYR A 77 -5.32 28.15 -12.08
C TYR A 77 -5.28 28.51 -10.60
N SER A 78 -5.14 29.78 -10.25
CA SER A 78 -5.19 30.16 -8.84
C SER A 78 -6.60 29.91 -8.30
N GLY A 79 -6.68 29.76 -6.98
CA GLY A 79 -7.97 29.41 -6.38
C GLY A 79 -9.05 30.42 -6.68
N GLU A 80 -8.70 31.71 -6.66
CA GLU A 80 -9.70 32.75 -6.90
C GLU A 80 -10.16 32.75 -8.34
N GLN A 81 -9.26 32.43 -9.27
CA GLN A 81 -9.65 32.38 -10.69
C GLN A 81 -10.55 31.20 -10.96
N VAL A 82 -10.17 30.02 -10.48
CA VAL A 82 -10.96 28.83 -10.77
C VAL A 82 -12.29 28.88 -10.05
N ALA A 83 -12.34 29.49 -8.87
CA ALA A 83 -13.58 29.51 -8.11
C ALA A 83 -14.68 30.26 -8.83
N VAL A 84 -14.31 31.24 -9.67
CA VAL A 84 -15.31 31.96 -10.45
C VAL A 84 -16.08 30.98 -11.33
N TYR A 85 -15.37 30.08 -12.02
CA TYR A 85 -16.05 29.10 -12.87
C TYR A 85 -17.02 28.25 -12.07
N LEU A 86 -16.60 27.75 -10.90
CA LEU A 86 -17.44 26.84 -10.14
C LEU A 86 -18.63 27.57 -9.52
N HIS A 87 -18.42 28.80 -9.06
CA HIS A 87 -19.54 29.58 -8.52
C HIS A 87 -20.57 29.87 -9.59
N LYS A 88 -20.12 30.33 -10.76
CA LYS A 88 -21.07 30.63 -11.83
C LYS A 88 -21.81 29.38 -12.29
N LEU A 89 -21.11 28.25 -12.40
CA LEU A 89 -21.78 27.01 -12.78
C LEU A 89 -22.87 26.64 -11.80
N ALA A 90 -22.55 26.65 -10.50
CA ALA A 90 -23.55 26.35 -9.49
C ALA A 90 -24.73 27.29 -9.57
N ARG A 91 -24.47 28.59 -9.75
CA ARG A 91 -25.57 29.55 -9.76
C ARG A 91 -26.42 29.44 -11.02
N GLN A 92 -25.92 28.83 -12.10
CA GLN A 92 -26.79 28.55 -13.24
C GLN A 92 -27.95 27.65 -12.83
N PHE A 93 -27.70 26.69 -11.94
CA PHE A 93 -28.72 25.74 -11.52
C PHE A 93 -29.39 26.10 -10.21
N SER A 94 -28.86 27.09 -9.49
CA SER A 94 -29.48 27.56 -8.25
C SER A 94 -29.35 29.07 -8.20
N PRO A 95 -30.05 29.78 -9.10
CA PRO A 95 -29.86 31.24 -9.20
C PRO A 95 -30.54 32.03 -8.09
N ASP A 96 -31.53 31.46 -7.41
CA ASP A 96 -32.33 32.19 -6.42
C ASP A 96 -32.29 31.57 -5.03
N ARG A 97 -31.42 30.58 -4.80
CA ARG A 97 -31.33 29.94 -3.50
C ARG A 97 -29.88 29.58 -3.22
N PRO A 98 -29.46 29.61 -1.96
CA PRO A 98 -28.13 29.12 -1.63
C PRO A 98 -28.03 27.62 -1.90
N PHE A 99 -26.79 27.17 -2.12
CA PHE A 99 -26.52 25.76 -2.39
C PHE A 99 -25.48 25.24 -1.39
N ASP A 100 -25.37 23.91 -1.31
CA ASP A 100 -24.39 23.25 -0.45
C ASP A 100 -23.14 22.91 -1.26
N LEU A 101 -22.01 22.80 -0.56
CA LEU A 101 -20.75 22.53 -1.21
C LEU A 101 -19.99 21.45 -0.45
N VAL A 102 -19.51 20.44 -1.17
CA VAL A 102 -18.60 19.42 -0.63
C VAL A 102 -17.37 19.43 -1.51
N ALA A 103 -16.18 19.48 -0.89
CA ALA A 103 -14.97 19.50 -1.71
C ALA A 103 -13.86 18.68 -1.06
N HIS A 104 -13.05 18.06 -1.92
CA HIS A 104 -11.97 17.16 -1.54
C HIS A 104 -10.67 17.68 -2.12
N ASP A 105 -9.60 17.74 -1.31
CA ASP A 105 -8.23 17.93 -1.83
C ASP A 105 -8.21 19.30 -2.51
N ILE A 106 -7.71 19.43 -3.74
CA ILE A 106 -7.61 20.77 -4.34
C ILE A 106 -8.98 21.34 -4.71
N GLY A 107 -10.04 20.55 -4.61
CA GLY A 107 -11.38 21.12 -4.67
C GLY A 107 -11.62 22.19 -3.61
N ILE A 108 -10.95 22.06 -2.46
CA ILE A 108 -10.98 23.12 -1.44
C ILE A 108 -10.33 24.39 -1.97
N TRP A 109 -9.12 24.26 -2.51
CA TRP A 109 -8.39 25.41 -3.03
C TRP A 109 -9.24 26.17 -4.03
N ASN A 110 -9.94 25.43 -4.88
CA ASN A 110 -10.68 25.99 -6.00
C ASN A 110 -12.08 26.42 -5.63
N THR A 111 -12.46 26.34 -4.35
CA THR A 111 -13.80 26.78 -3.96
C THR A 111 -13.76 27.79 -2.82
N TYR A 112 -12.75 27.73 -1.96
CA TYR A 112 -12.72 28.64 -0.81
C TYR A 112 -12.93 30.10 -1.20
N PRO A 113 -12.29 30.65 -2.24
CA PRO A 113 -12.53 32.07 -2.57
C PRO A 113 -13.99 32.38 -2.89
N MET A 114 -14.70 31.50 -3.61
CA MET A 114 -16.07 31.86 -3.93
C MET A 114 -16.98 31.71 -2.72
N VAL A 115 -16.61 30.83 -1.76
CA VAL A 115 -17.39 30.71 -0.52
C VAL A 115 -17.25 31.99 0.30
N VAL A 116 -16.02 32.48 0.46
CA VAL A 116 -15.83 33.62 1.34
C VAL A 116 -16.32 34.91 0.68
N LYS A 117 -16.30 34.98 -0.65
CA LYS A 117 -16.77 36.17 -1.35
C LYS A 117 -18.27 36.17 -1.62
N ASN A 118 -18.95 35.04 -1.45
CA ASN A 118 -20.37 34.91 -1.74
C ASN A 118 -21.05 34.11 -0.62
N GLN A 119 -20.84 34.52 0.63
CA GLN A 119 -21.26 33.70 1.76
C GLN A 119 -22.76 33.43 1.74
N ALA A 120 -23.57 34.41 1.31
CA ALA A 120 -25.01 34.17 1.27
C ALA A 120 -25.41 33.12 0.24
N ASP A 121 -24.52 32.75 -0.68
CA ASP A 121 -24.83 31.73 -1.68
C ASP A 121 -24.57 30.31 -1.17
N ILE A 122 -23.86 30.15 -0.05
CA ILE A 122 -23.46 28.84 0.46
C ILE A 122 -24.27 28.53 1.72
N ALA A 123 -25.16 27.53 1.65
CA ALA A 123 -25.95 27.17 2.82
C ALA A 123 -25.11 26.39 3.83
N ARG A 124 -24.42 25.34 3.37
CA ARG A 124 -23.65 24.45 4.23
C ARG A 124 -22.42 24.00 3.46
N LEU A 125 -21.34 23.72 4.19
CA LEU A 125 -20.05 23.47 3.59
C LEU A 125 -19.40 22.24 4.22
N VAL A 126 -18.84 21.36 3.40
CA VAL A 126 -18.06 20.21 3.85
C VAL A 126 -16.73 20.22 3.13
N TYR A 127 -15.63 20.27 3.87
CA TYR A 127 -14.28 20.23 3.32
C TYR A 127 -13.54 19.01 3.84
N MET A 128 -12.81 18.32 2.96
CA MET A 128 -12.07 17.14 3.41
C MET A 128 -10.70 17.03 2.76
N GLN A 129 -9.69 16.71 3.58
CA GLN A 129 -8.38 16.23 3.12
C GLN A 129 -7.65 17.22 2.22
N ALA A 130 -7.45 18.41 2.73
CA ALA A 130 -6.44 19.31 2.18
C ALA A 130 -6.39 20.57 3.02
N PRO A 131 -5.21 21.19 3.15
CA PRO A 131 -5.17 22.52 3.75
C PRO A 131 -5.76 23.57 2.82
N ILE A 132 -6.49 24.51 3.42
CA ILE A 132 -6.74 25.76 2.70
C ILE A 132 -5.40 26.42 2.43
N PRO A 133 -5.15 26.94 1.23
CA PRO A 133 -3.83 27.55 0.99
C PRO A 133 -3.60 28.77 1.87
N ASP A 134 -2.65 28.65 2.80
CA ASP A 134 -2.21 29.76 3.62
C ASP A 134 -0.79 29.44 4.12
N ALA A 135 -0.29 30.27 5.04
CA ALA A 135 1.10 30.14 5.48
C ALA A 135 1.38 28.83 6.19
N ARG A 136 0.34 28.12 6.66
CA ARG A 136 0.57 26.84 7.33
C ARG A 136 1.23 25.83 6.41
N ILE A 137 1.00 25.93 5.09
CA ILE A 137 1.56 24.93 4.19
C ILE A 137 3.07 24.99 4.14
N TYR A 138 3.66 26.13 4.48
CA TYR A 138 5.12 26.26 4.53
C TYR A 138 5.72 25.58 5.75
N ARG A 139 4.89 25.07 6.65
CA ARG A 139 5.38 24.43 7.87
C ARG A 139 5.41 22.91 7.77
N PHE A 140 4.84 22.32 6.72
CA PHE A 140 4.86 20.87 6.60
C PHE A 140 6.27 20.38 6.27
N PRO A 141 6.67 19.21 6.76
CA PRO A 141 8.04 18.74 6.53
C PRO A 141 8.24 18.11 5.15
N ALA A 142 9.46 18.25 4.65
CA ALA A 142 9.84 17.62 3.38
C ALA A 142 10.03 16.13 3.54
N PHE A 143 10.40 15.67 4.73
CA PHE A 143 10.83 14.29 4.94
C PHE A 143 10.51 13.91 6.38
N THR A 144 9.94 12.72 6.59
CA THR A 144 9.52 12.32 7.92
C THR A 144 10.26 11.07 8.40
N ALA A 145 10.31 10.92 9.72
CA ALA A 145 11.02 9.80 10.34
C ALA A 145 10.29 8.50 10.12
N GLN A 146 8.96 8.58 10.03
CA GLN A 146 8.08 7.44 9.91
C GLN A 146 7.02 7.79 8.88
N GLY A 147 6.54 6.78 8.18
CA GLY A 147 5.64 7.09 7.10
C GLY A 147 6.35 7.90 6.03
N GLU A 148 5.59 8.78 5.37
CA GLU A 148 6.13 9.63 4.32
C GLU A 148 5.52 11.02 4.43
N SER A 149 6.31 12.01 4.01
CA SER A 149 5.85 13.39 3.99
C SER A 149 4.58 13.54 3.15
N LEU A 150 3.58 14.21 3.73
CA LEU A 150 2.29 14.32 3.07
C LEU A 150 2.32 15.26 1.86
N VAL A 151 3.14 16.30 1.88
CA VAL A 151 3.01 17.30 0.83
C VAL A 151 4.31 17.62 0.11
N TRP A 152 5.29 16.71 0.13
CA TRP A 152 6.48 16.95 -0.68
C TRP A 152 6.14 17.08 -2.15
N HIS A 153 5.02 16.48 -2.59
CA HIS A 153 4.65 16.60 -4.00
C HIS A 153 4.28 18.04 -4.37
N PHE A 154 3.98 18.92 -3.41
CA PHE A 154 3.79 20.35 -3.73
C PHE A 154 4.99 20.88 -4.49
N SER A 155 6.21 20.58 -4.00
CA SER A 155 7.39 21.12 -4.67
C SER A 155 7.62 20.42 -6.00
N PHE A 156 7.44 19.10 -6.05
CA PHE A 156 7.60 18.35 -7.29
C PHE A 156 6.69 18.89 -8.38
N PHE A 157 5.42 19.10 -8.04
CA PHE A 157 4.44 19.50 -9.03
C PHE A 157 4.61 20.98 -9.40
N ALA A 158 5.13 21.79 -8.47
CA ALA A 158 5.30 23.21 -8.75
C ALA A 158 6.62 23.53 -9.43
N ALA A 159 7.52 22.57 -9.55
CA ALA A 159 8.85 22.84 -10.09
C ALA A 159 8.76 23.36 -11.52
N ASP A 160 9.72 24.22 -11.89
CA ASP A 160 9.68 24.79 -13.23
CA ASP A 160 9.81 24.82 -13.21
C ASP A 160 10.24 23.78 -14.24
N ASP A 161 10.39 24.23 -15.50
CA ASP A 161 10.88 23.41 -16.61
C ASP A 161 9.94 22.25 -16.90
N ARG A 162 8.67 22.34 -16.51
CA ARG A 162 7.71 21.25 -16.67
C ARG A 162 8.29 19.94 -16.16
N LEU A 163 8.99 20.01 -15.02
CA LEU A 163 9.66 18.82 -14.49
C LEU A 163 8.69 17.65 -14.34
N ALA A 164 7.53 17.88 -13.74
CA ALA A 164 6.61 16.77 -13.44
C ALA A 164 6.03 16.16 -14.72
N GLU A 165 5.51 16.98 -15.64
CA GLU A 165 4.97 16.42 -16.89
C GLU A 165 6.05 15.70 -17.68
N THR A 166 7.27 16.23 -17.67
CA THR A 166 8.30 15.63 -18.50
C THR A 166 8.67 14.24 -17.98
N LEU A 167 8.73 14.09 -16.66
CA LEU A 167 9.04 12.78 -16.08
C LEU A 167 7.85 11.84 -16.13
N ILE A 168 6.63 12.34 -15.97
CA ILE A 168 5.48 11.46 -15.80
C ILE A 168 4.80 11.08 -17.12
N ALA A 169 4.95 11.89 -18.17
CA ALA A 169 4.35 11.58 -19.45
C ALA A 169 4.77 10.19 -19.93
N GLY A 170 3.79 9.39 -20.37
CA GLY A 170 4.06 8.01 -20.74
C GLY A 170 4.09 7.04 -19.58
N LYS A 171 4.15 7.54 -18.34
CA LYS A 171 4.19 6.71 -17.14
C LYS A 171 3.06 7.09 -16.17
N GLU A 172 1.96 7.59 -16.74
CA GLU A 172 0.89 8.14 -15.91
C GLU A 172 0.22 7.07 -15.06
N ARG A 173 0.04 5.89 -15.63
CA ARG A 173 -0.65 4.82 -14.92
C ARG A 173 0.20 4.31 -13.76
N PHE A 174 1.50 4.12 -13.99
CA PHE A 174 2.43 3.81 -12.92
C PHE A 174 2.42 4.88 -11.83
N PHE A 175 2.55 6.16 -12.24
CA PHE A 175 2.67 7.19 -11.21
C PHE A 175 1.39 7.32 -10.39
N LEU A 176 0.22 7.21 -11.04
CA LEU A 176 -1.01 7.43 -10.30
CA LEU A 176 -1.03 7.41 -10.33
C LEU A 176 -1.27 6.31 -9.30
N GLU A 177 -0.94 5.06 -9.66
CA GLU A 177 -1.08 3.99 -8.67
C GLU A 177 -0.18 4.25 -7.48
N HIS A 178 1.06 4.70 -7.72
CA HIS A 178 1.95 4.98 -6.61
C HIS A 178 1.41 6.11 -5.73
N PHE A 179 1.04 7.25 -6.32
CA PHE A 179 0.59 8.41 -5.55
CA PHE A 179 0.66 8.35 -5.44
C PHE A 179 -0.68 8.08 -4.76
N ILE A 180 -1.63 7.39 -5.41
CA ILE A 180 -2.87 7.08 -4.71
C ILE A 180 -2.59 6.14 -3.53
N LYS A 181 -1.88 5.06 -3.80
CA LYS A 181 -1.68 4.07 -2.73
C LYS A 181 -0.79 4.60 -1.62
N SER A 182 0.21 5.42 -1.94
CA SER A 182 1.08 5.96 -0.90
CA SER A 182 1.09 5.97 -0.90
C SER A 182 0.35 6.92 0.02
N HIS A 183 -0.78 7.46 -0.41
CA HIS A 183 -1.61 8.35 0.40
C HIS A 183 -2.85 7.65 0.94
N ALA A 184 -2.87 6.31 0.93
CA ALA A 184 -4.04 5.56 1.34
C ALA A 184 -3.72 4.71 2.55
N SER A 185 -4.76 4.47 3.35
CA SER A 185 -4.74 3.46 4.41
C SER A 185 -5.32 2.14 3.91
N ASN A 186 -6.52 2.20 3.32
CA ASN A 186 -7.18 1.01 2.77
CA ASN A 186 -7.19 1.02 2.78
C ASN A 186 -6.88 0.94 1.28
N THR A 187 -5.67 0.48 0.96
CA THR A 187 -5.23 0.46 -0.44
C THR A 187 -6.03 -0.51 -1.28
N GLU A 188 -6.68 -1.51 -0.67
CA GLU A 188 -7.31 -2.57 -1.45
CA GLU A 188 -7.33 -2.57 -1.44
C GLU A 188 -8.47 -2.08 -2.32
N VAL A 189 -9.05 -0.91 -2.00
CA VAL A 189 -10.15 -0.43 -2.83
C VAL A 189 -9.67 0.08 -4.18
N PHE A 190 -8.37 0.28 -4.37
CA PHE A 190 -7.86 0.78 -5.65
C PHE A 190 -7.44 -0.40 -6.50
N SER A 191 -8.45 -1.07 -7.05
CA SER A 191 -8.25 -2.14 -8.01
C SER A 191 -7.54 -1.62 -9.26
N GLU A 192 -6.90 -2.55 -9.96
CA GLU A 192 -6.27 -2.19 -11.23
C GLU A 192 -7.27 -1.59 -12.19
N ARG A 193 -8.51 -2.11 -12.16
CA ARG A 193 -9.57 -1.59 -13.03
C ARG A 193 -9.90 -0.13 -12.72
N LEU A 194 -10.05 0.19 -11.43
CA LEU A 194 -10.35 1.58 -11.07
C LEU A 194 -9.18 2.51 -11.39
N LEU A 195 -7.95 2.06 -11.10
CA LEU A 195 -6.78 2.87 -11.42
C LEU A 195 -6.66 3.12 -12.93
N ASP A 196 -6.97 2.11 -13.73
CA ASP A 196 -6.97 2.28 -15.19
C ASP A 196 -7.88 3.44 -15.60
N LEU A 197 -9.10 3.48 -15.04
CA LEU A 197 -10.04 4.55 -15.37
C LEU A 197 -9.49 5.93 -15.04
N TYR A 198 -9.00 6.11 -13.80
CA TYR A 198 -8.45 7.41 -13.44
C TYR A 198 -7.23 7.76 -14.26
N ALA A 199 -6.36 6.79 -14.51
CA ALA A 199 -5.12 7.11 -15.24
C ALA A 199 -5.41 7.52 -16.67
N ARG A 200 -6.37 6.87 -17.32
CA ARG A 200 -6.69 7.25 -18.70
C ARG A 200 -7.12 8.71 -18.78
N SER A 201 -7.85 9.18 -17.78
CA SER A 201 -8.32 10.56 -17.82
C SER A 201 -7.18 11.55 -17.65
N TYR A 202 -6.36 11.36 -16.62
CA TYR A 202 -5.37 12.42 -16.40
C TYR A 202 -4.14 12.26 -17.28
N ALA A 203 -4.10 11.21 -18.09
CA ALA A 203 -3.05 11.07 -19.11
C ALA A 203 -3.28 11.93 -20.34
N LYS A 204 -4.51 12.44 -20.57
CA LYS A 204 -4.68 13.42 -21.63
C LYS A 204 -3.67 14.54 -21.40
N PRO A 205 -2.84 14.88 -22.41
CA PRO A 205 -1.76 15.85 -22.17
C PRO A 205 -2.22 17.14 -21.50
N HIS A 206 -3.34 17.73 -21.94
CA HIS A 206 -3.78 18.95 -21.29
C HIS A 206 -4.26 18.72 -19.86
N SER A 207 -4.69 17.49 -19.52
CA SER A 207 -5.09 17.21 -18.15
C SER A 207 -3.88 16.96 -17.26
N LEU A 208 -2.86 16.29 -17.78
CA LEU A 208 -1.63 16.13 -17.02
C LEU A 208 -1.04 17.48 -16.69
N ASN A 209 -0.99 18.38 -17.67
CA ASN A 209 -0.46 19.72 -17.41
C ASN A 209 -1.36 20.50 -16.46
N ALA A 210 -2.68 20.47 -16.70
CA ALA A 210 -3.60 21.17 -15.80
C ALA A 210 -3.42 20.71 -14.36
N SER A 211 -3.25 19.41 -14.15
CA SER A 211 -3.06 18.87 -12.80
C SER A 211 -1.96 19.63 -12.06
N PHE A 212 -0.82 19.83 -12.73
CA PHE A 212 0.29 20.48 -12.05
C PHE A 212 0.18 22.00 -12.02
N GLU A 213 -0.60 22.59 -12.93
CA GLU A 213 -0.72 24.05 -12.90
C GLU A 213 -1.44 24.51 -11.63
N TYR A 214 -2.29 23.66 -11.06
CA TYR A 214 -2.91 24.00 -9.77
C TYR A 214 -1.85 24.20 -8.70
N TYR A 215 -0.79 23.40 -8.73
CA TYR A 215 0.29 23.53 -7.75
C TYR A 215 1.23 24.68 -8.10
N ARG A 216 1.41 24.96 -9.38
CA ARG A 216 2.20 26.11 -9.80
C ARG A 216 1.54 27.44 -9.43
N ALA A 217 0.24 27.42 -9.18
CA ALA A 217 -0.50 28.60 -8.74
C ALA A 217 -0.68 28.65 -7.22
N LEU A 218 -0.15 27.67 -6.49
CA LEU A 218 -0.47 27.55 -5.07
C LEU A 218 0.00 28.76 -4.28
N ASN A 219 1.21 29.25 -4.54
CA ASN A 219 1.68 30.42 -3.80
C ASN A 219 0.83 31.64 -4.12
N GLU A 220 0.37 31.77 -5.36
CA GLU A 220 -0.56 32.84 -5.68
C GLU A 220 -1.85 32.69 -4.88
N SER A 221 -2.36 31.46 -4.76
CA SER A 221 -3.57 31.21 -3.99
C SER A 221 -3.35 31.55 -2.51
N VAL A 222 -2.16 31.24 -1.97
CA VAL A 222 -1.86 31.64 -0.60
C VAL A 222 -1.96 33.14 -0.46
N ARG A 223 -1.33 33.89 -1.38
CA ARG A 223 -1.38 35.35 -1.31
C ARG A 223 -2.80 35.86 -1.40
N GLN A 224 -3.60 35.28 -2.30
CA GLN A 224 -5.02 35.65 -2.41
C GLN A 224 -5.75 35.44 -1.09
N ASN A 225 -5.56 34.26 -0.48
CA ASN A 225 -6.32 33.93 0.71
C ASN A 225 -5.90 34.75 1.92
N ALA A 226 -4.67 35.29 1.91
CA ALA A 226 -4.25 36.14 3.01
C ALA A 226 -5.17 37.36 3.13
N GLU A 227 -5.62 37.89 2.00
CA GLU A 227 -6.59 38.99 2.02
C GLU A 227 -8.00 38.48 2.33
N LEU A 228 -8.41 37.37 1.71
CA LEU A 228 -9.79 36.93 1.83
C LEU A 228 -10.10 36.51 3.26
N ALA A 229 -9.15 35.86 3.92
CA ALA A 229 -9.40 35.29 5.25
C ALA A 229 -9.61 36.35 6.32
N LYS A 230 -9.54 37.63 5.98
CA LYS A 230 -9.90 38.67 6.95
C LYS A 230 -11.37 38.65 7.32
N THR A 231 -12.20 37.92 6.58
CA THR A 231 -13.59 37.65 6.95
C THR A 231 -13.76 36.15 7.19
N ARG A 232 -14.25 35.79 8.37
CA ARG A 232 -14.50 34.38 8.68
C ARG A 232 -15.77 33.89 8.00
N LEU A 233 -15.83 32.58 7.77
CA LEU A 233 -17.02 31.94 7.22
C LEU A 233 -18.09 31.83 8.30
N GLN A 234 -19.33 32.17 7.94
CA GLN A 234 -20.43 32.22 8.90
C GLN A 234 -21.39 31.04 8.80
N MET A 235 -21.33 30.24 7.73
CA MET A 235 -22.30 29.18 7.55
C MET A 235 -21.85 27.89 8.24
N PRO A 236 -22.76 26.95 8.47
CA PRO A 236 -22.36 25.68 9.09
C PRO A 236 -21.37 24.94 8.22
N THR A 237 -20.27 24.49 8.82
CA THR A 237 -19.20 23.81 8.13
CA THR A 237 -19.23 23.78 8.10
C THR A 237 -18.86 22.50 8.85
N MET A 238 -18.46 21.49 8.08
CA MET A 238 -17.96 20.23 8.62
C MET A 238 -16.66 19.89 7.91
N THR A 239 -15.65 19.46 8.66
CA THR A 239 -14.44 18.96 8.05
C THR A 239 -14.35 17.45 8.28
N LEU A 240 -13.83 16.75 7.29
CA LEU A 240 -13.47 15.35 7.42
C LEU A 240 -12.01 15.17 7.09
N ALA A 241 -11.36 14.23 7.80
CA ALA A 241 -9.97 13.90 7.58
C ALA A 241 -9.78 12.42 7.90
N GLY A 242 -8.87 11.77 7.18
CA GLY A 242 -8.47 10.43 7.55
C GLY A 242 -7.53 10.44 8.75
N GLY A 243 -7.64 9.40 9.59
CA GLY A 243 -6.73 9.22 10.71
C GLY A 243 -5.63 8.22 10.43
N GLY A 244 -5.73 7.52 9.30
CA GLY A 244 -4.75 6.54 8.91
C GLY A 244 -3.67 7.13 8.01
N HIS A 245 -2.89 6.22 7.40
CA HIS A 245 -1.79 6.61 6.53
C HIS A 245 -2.28 7.50 5.39
N GLY A 246 -1.67 8.68 5.25
CA GLY A 246 -2.11 9.65 4.27
C GLY A 246 -3.16 10.64 4.75
N GLY A 247 -3.70 10.44 5.95
CA GLY A 247 -4.72 11.35 6.47
C GLY A 247 -4.12 12.62 7.08
N MET A 248 -4.88 13.71 6.98
CA MET A 248 -4.50 14.98 7.60
C MET A 248 -4.65 14.97 9.11
N GLY A 249 -5.39 14.01 9.67
CA GLY A 249 -5.51 13.97 11.12
C GLY A 249 -6.21 15.20 11.65
N THR A 250 -5.74 15.68 12.80
CA THR A 250 -6.39 16.82 13.45
C THR A 250 -6.15 18.15 12.74
N PHE A 251 -5.19 18.21 11.80
CA PHE A 251 -4.89 19.49 11.15
C PHE A 251 -6.11 20.07 10.45
N GLN A 252 -6.93 19.22 9.84
CA GLN A 252 -8.04 19.70 9.02
C GLN A 252 -8.99 20.57 9.84
N LEU A 253 -9.43 20.06 10.99
CA LEU A 253 -10.32 20.85 11.84
C LEU A 253 -9.58 22.02 12.48
N GLU A 254 -8.34 21.81 12.92
CA GLU A 254 -7.63 22.88 13.62
C GLU A 254 -7.43 24.10 12.73
N GLN A 255 -7.06 23.90 11.46
CA GLN A 255 -6.97 25.04 10.53
C GLN A 255 -8.35 25.62 10.26
N MET A 256 -9.37 24.79 10.08
CA MET A 256 -10.69 25.32 9.74
C MET A 256 -11.22 26.24 10.83
N LYS A 257 -10.88 25.98 12.09
CA LYS A 257 -11.34 26.83 13.18
C LYS A 257 -10.87 28.28 13.00
N ALA A 258 -9.74 28.48 12.31
CA ALA A 258 -9.28 29.84 12.03
C ALA A 258 -10.11 30.50 10.94
N TYR A 259 -10.84 29.71 10.14
CA TYR A 259 -11.61 30.22 9.03
C TYR A 259 -13.11 30.28 9.26
N ALA A 260 -13.64 29.52 10.21
CA ALA A 260 -15.08 29.31 10.30
C ALA A 260 -15.56 29.47 11.73
N GLU A 261 -16.67 30.19 11.91
CA GLU A 261 -17.26 30.36 13.24
C GLU A 261 -17.98 29.11 13.71
N ASP A 262 -18.57 28.34 12.79
CA ASP A 262 -19.44 27.21 13.09
C ASP A 262 -18.86 25.97 12.39
N VAL A 263 -18.05 25.19 13.09
CA VAL A 263 -17.38 24.06 12.43
C VAL A 263 -17.37 22.86 13.37
N GLU A 264 -17.64 21.70 12.81
CA GLU A 264 -17.45 20.44 13.51
C GLU A 264 -16.54 19.58 12.64
N GLY A 265 -15.71 18.77 13.28
CA GLY A 265 -14.72 18.00 12.56
C GLY A 265 -14.76 16.54 12.96
N HIS A 266 -14.40 15.69 12.00
CA HIS A 266 -14.26 14.26 12.25
C HIS A 266 -12.96 13.76 11.65
N VAL A 267 -12.30 12.89 12.40
CA VAL A 267 -11.15 12.13 11.91
C VAL A 267 -11.61 10.67 11.82
N LEU A 268 -11.49 10.09 10.63
CA LEU A 268 -12.02 8.74 10.40
C LEU A 268 -10.89 7.74 10.56
N PRO A 269 -10.95 6.86 11.55
CA PRO A 269 -9.83 5.94 11.80
C PRO A 269 -9.68 4.92 10.69
N GLY A 270 -8.43 4.57 10.39
CA GLY A 270 -8.18 3.55 9.40
C GLY A 270 -8.48 3.98 7.99
N CYS A 271 -8.54 5.28 7.75
CA CYS A 271 -8.83 5.87 6.46
C CYS A 271 -7.73 6.87 6.13
N GLY A 272 -7.27 6.85 4.88
CA GLY A 272 -6.25 7.80 4.45
C GLY A 272 -6.76 9.04 3.76
N HIS A 273 -6.21 9.35 2.59
CA HIS A 273 -6.59 10.57 1.88
C HIS A 273 -7.90 10.40 1.12
N TRP A 274 -8.19 9.20 0.62
CA TRP A 274 -9.23 9.03 -0.39
C TRP A 274 -10.52 8.56 0.27
N LEU A 275 -11.10 9.45 1.09
CA LEU A 275 -12.21 9.04 1.94
C LEU A 275 -13.41 8.46 1.18
N PRO A 276 -13.85 9.01 0.04
CA PRO A 276 -15.04 8.44 -0.60
C PRO A 276 -14.88 6.99 -1.02
N GLU A 277 -13.65 6.57 -1.32
CA GLU A 277 -13.39 5.21 -1.76
C GLU A 277 -12.88 4.30 -0.64
N GLU A 278 -12.01 4.82 0.23
CA GLU A 278 -11.45 4.02 1.30
C GLU A 278 -12.45 3.78 2.42
N CYS A 279 -13.35 4.74 2.66
CA CYS A 279 -14.23 4.69 3.81
C CYS A 279 -15.61 5.21 3.44
N ALA A 280 -16.17 4.61 2.37
CA ALA A 280 -17.43 5.08 1.78
C ALA A 280 -18.58 5.10 2.79
N ALA A 281 -18.75 4.02 3.56
CA ALA A 281 -19.92 3.98 4.43
C ALA A 281 -19.90 5.07 5.49
N PRO A 282 -18.85 5.25 6.29
CA PRO A 282 -18.92 6.32 7.29
C PRO A 282 -18.85 7.71 6.67
N MET A 283 -18.08 7.90 5.60
CA MET A 283 -17.98 9.24 5.00
C MET A 283 -19.31 9.65 4.41
N ASN A 284 -19.93 8.75 3.63
CA ASN A 284 -21.23 9.07 3.05
C ASN A 284 -22.26 9.40 4.12
N ARG A 285 -22.29 8.61 5.19
CA ARG A 285 -23.23 8.86 6.28
C ARG A 285 -22.98 10.23 6.90
N LEU A 286 -21.71 10.56 7.17
CA LEU A 286 -21.43 11.86 7.78
C LEU A 286 -21.90 13.00 6.89
N VAL A 287 -21.69 12.87 5.57
CA VAL A 287 -22.02 13.96 4.65
C VAL A 287 -23.53 14.09 4.50
N ILE A 288 -24.21 12.95 4.31
CA ILE A 288 -25.67 12.99 4.14
C ILE A 288 -26.34 13.56 5.38
N ASP A 289 -25.93 13.08 6.56
CA ASP A 289 -26.52 13.58 7.80
C ASP A 289 -26.28 15.08 7.96
N PHE A 290 -25.05 15.54 7.70
CA PHE A 290 -24.75 16.95 7.91
C PHE A 290 -25.56 17.83 6.98
N LEU A 291 -25.65 17.44 5.69
CA LEU A 291 -26.41 18.25 4.74
C LEU A 291 -27.90 18.15 4.98
N SER A 292 -28.37 17.04 5.56
CA SER A 292 -29.80 16.88 5.78
C SER A 292 -30.30 17.63 7.00
N ARG A 293 -29.41 18.24 7.79
CA ARG A 293 -29.86 19.17 8.82
C ARG A 293 -30.53 20.39 8.21
N GLY A 294 -30.10 20.82 7.02
CA GLY A 294 -30.78 21.85 6.29
C GLY A 294 -31.99 21.29 5.55
N ARG A 295 -32.82 22.21 5.04
CA ARG A 295 -34.02 21.78 4.33
C ARG A 295 -33.64 21.00 3.07
N HIS A 296 -34.41 19.94 2.80
CA HIS A 296 -34.12 19.06 1.67
C HIS A 296 -35.42 18.47 1.17
N HIS A 297 -35.33 17.77 0.04
CA HIS A 297 -36.50 17.14 -0.59
C HIS A 297 -37.15 16.11 0.34
N ALA B 1 36.78 1.85 -20.25
CA ALA B 1 37.07 3.25 -20.53
C ALA B 1 36.77 4.12 -19.32
N GLU B 2 37.48 5.24 -19.20
CA GLU B 2 37.24 6.18 -18.13
C GLU B 2 35.99 7.01 -18.42
N GLU B 3 35.13 7.15 -17.41
CA GLU B 3 33.97 8.02 -17.55
C GLU B 3 34.34 9.49 -17.55
N PHE B 4 35.46 9.85 -16.95
CA PHE B 4 35.87 11.25 -16.82
C PHE B 4 37.38 11.33 -17.04
N PRO B 5 37.86 12.45 -17.60
CA PRO B 5 39.30 12.56 -17.89
C PRO B 5 40.13 12.71 -16.61
N VAL B 6 41.22 11.96 -16.54
CA VAL B 6 42.09 11.91 -15.36
C VAL B 6 43.12 13.03 -15.46
N PRO B 7 43.31 13.82 -14.41
CA PRO B 7 44.32 14.91 -14.47
C PRO B 7 45.74 14.36 -14.60
N ASN B 8 46.59 15.16 -15.24
CA ASN B 8 47.99 14.79 -15.38
CA ASN B 8 47.99 14.80 -15.38
C ASN B 8 48.62 14.53 -14.03
N GLY B 9 49.42 13.47 -13.94
CA GLY B 9 50.05 13.09 -12.69
C GLY B 9 49.18 12.26 -11.77
N PHE B 10 47.95 11.93 -12.16
CA PHE B 10 47.07 11.09 -11.37
C PHE B 10 46.86 9.76 -12.08
N GLU B 11 46.44 8.75 -11.30
CA GLU B 11 46.14 7.44 -11.84
C GLU B 11 44.72 7.03 -11.45
N SER B 12 44.02 6.45 -12.42
CA SER B 12 42.73 5.80 -12.16
C SER B 12 42.99 4.34 -11.84
N ALA B 13 42.43 3.87 -10.72
CA ALA B 13 42.76 2.53 -10.22
C ALA B 13 41.58 1.96 -9.44
N TYR B 14 41.74 0.70 -9.04
CA TYR B 14 40.70 -0.03 -8.31
C TYR B 14 41.32 -0.79 -7.15
N ARG B 15 40.57 -0.91 -6.07
CA ARG B 15 40.94 -1.76 -4.94
C ARG B 15 39.72 -2.53 -4.47
N GLU B 16 39.89 -3.83 -4.21
CA GLU B 16 38.83 -4.62 -3.60
C GLU B 16 38.81 -4.32 -2.11
N VAL B 17 37.64 -3.96 -1.59
CA VAL B 17 37.43 -3.71 -0.17
C VAL B 17 36.20 -4.50 0.26
N ASP B 18 36.39 -5.50 1.11
CA ASP B 18 35.31 -6.37 1.58
C ASP B 18 34.49 -6.92 0.41
N GLY B 19 35.18 -7.38 -0.63
CA GLY B 19 34.52 -7.99 -1.76
C GLY B 19 33.88 -7.03 -2.73
N VAL B 20 34.11 -5.72 -2.59
CA VAL B 20 33.53 -4.69 -3.45
C VAL B 20 34.68 -3.99 -4.16
N LYS B 21 34.63 -3.94 -5.49
CA LYS B 21 35.71 -3.30 -6.24
C LYS B 21 35.44 -1.81 -6.33
N LEU B 22 36.24 -1.01 -5.60
CA LEU B 22 36.08 0.44 -5.56
C LEU B 22 37.02 1.10 -6.55
N HIS B 23 36.50 2.09 -7.27
CA HIS B 23 37.29 2.90 -8.18
C HIS B 23 37.71 4.20 -7.50
N TYR B 24 38.93 4.64 -7.77
CA TYR B 24 39.41 5.91 -7.25
C TYR B 24 40.43 6.50 -8.21
N VAL B 25 40.70 7.79 -8.03
CA VAL B 25 41.76 8.49 -8.73
C VAL B 25 42.69 9.06 -7.67
N LYS B 26 44.00 8.83 -7.85
CA LYS B 26 45.00 9.10 -6.83
C LYS B 26 46.23 9.75 -7.43
N GLY B 27 46.77 10.74 -6.71
CA GLY B 27 48.03 11.36 -7.08
C GLY B 27 48.61 12.09 -5.89
N GLY B 28 49.83 12.59 -6.06
CA GLY B 28 50.47 13.39 -5.04
C GLY B 28 51.37 12.58 -4.12
N GLN B 29 51.99 13.31 -3.20
CA GLN B 29 52.90 12.76 -2.20
C GLN B 29 52.64 13.46 -0.89
N GLY B 30 52.86 12.75 0.21
CA GLY B 30 52.65 13.32 1.51
C GLY B 30 51.51 12.64 2.24
N PRO B 31 51.06 13.22 3.35
CA PRO B 31 49.96 12.61 4.11
C PRO B 31 48.71 12.56 3.26
N LEU B 32 47.83 11.62 3.59
CA LEU B 32 46.69 11.30 2.74
C LEU B 32 45.51 12.23 3.01
N VAL B 33 44.88 12.71 1.92
CA VAL B 33 43.59 13.40 1.97
C VAL B 33 42.64 12.60 1.10
N MET B 34 41.52 12.18 1.67
CA MET B 34 40.46 11.52 0.91
C MET B 34 39.33 12.50 0.65
N LEU B 35 38.92 12.61 -0.60
CA LEU B 35 37.87 13.52 -1.05
C LEU B 35 36.67 12.68 -1.49
N VAL B 36 35.50 12.93 -0.91
CA VAL B 36 34.33 12.07 -1.11
C VAL B 36 33.19 12.88 -1.71
N HIS B 37 32.82 12.57 -2.96
CA HIS B 37 31.78 13.27 -3.71
C HIS B 37 30.38 12.94 -3.17
N GLY B 38 29.38 13.58 -3.79
CA GLY B 38 28.00 13.36 -3.43
C GLY B 38 27.09 13.00 -4.59
N PHE B 39 25.79 13.18 -4.39
CA PHE B 39 24.77 12.72 -5.33
C PHE B 39 24.89 13.46 -6.65
N GLY B 40 24.65 12.74 -7.75
CA GLY B 40 24.69 13.29 -9.09
C GLY B 40 26.07 13.39 -9.67
N GLN B 41 27.09 13.10 -8.88
CA GLN B 41 28.47 13.32 -9.27
C GLN B 41 29.32 12.10 -9.00
N THR B 42 30.63 12.25 -9.17
CA THR B 42 31.62 11.19 -9.04
C THR B 42 32.86 11.84 -8.45
N TRP B 43 33.96 11.09 -8.43
CA TRP B 43 35.26 11.64 -8.07
C TRP B 43 35.57 12.91 -8.84
N TYR B 44 35.03 13.04 -10.06
CA TYR B 44 35.44 14.11 -10.97
C TYR B 44 35.09 15.50 -10.43
N GLU B 45 34.12 15.61 -9.52
CA GLU B 45 33.84 16.95 -9.01
C GLU B 45 35.05 17.53 -8.30
N TRP B 46 35.99 16.70 -7.87
CA TRP B 46 37.18 17.20 -7.21
C TRP B 46 38.34 17.48 -8.18
N HIS B 47 38.10 17.43 -9.50
CA HIS B 47 39.25 17.39 -10.40
C HIS B 47 40.02 18.71 -10.45
N GLN B 48 39.40 19.82 -10.06
CA GLN B 48 40.14 21.09 -9.99
C GLN B 48 40.92 21.23 -8.69
N LEU B 49 40.40 20.70 -7.59
CA LEU B 49 41.10 20.78 -6.32
C LEU B 49 42.28 19.81 -6.27
N MET B 50 42.14 18.64 -6.90
CA MET B 50 43.12 17.57 -6.73
C MET B 50 44.54 17.97 -7.11
N PRO B 51 44.80 18.60 -8.27
CA PRO B 51 46.20 18.97 -8.57
C PRO B 51 46.79 19.98 -7.61
N GLU B 52 45.99 20.93 -7.11
CA GLU B 52 46.54 21.89 -6.15
C GLU B 52 46.85 21.20 -4.83
N LEU B 53 45.94 20.37 -4.35
CA LEU B 53 46.17 19.61 -3.14
C LEU B 53 47.33 18.63 -3.29
N ALA B 54 47.53 18.09 -4.50
CA ALA B 54 48.57 17.10 -4.71
C ALA B 54 49.97 17.68 -4.55
N LYS B 55 50.09 19.01 -4.43
CA LYS B 55 51.40 19.60 -4.23
C LYS B 55 51.93 19.35 -2.82
N ARG B 56 51.05 19.10 -1.84
CA ARG B 56 51.44 18.90 -0.46
C ARG B 56 50.92 17.61 0.15
N PHE B 57 50.04 16.89 -0.53
CA PHE B 57 49.37 15.73 0.04
C PHE B 57 49.27 14.62 -1.00
N THR B 58 49.19 13.38 -0.52
CA THR B 58 48.66 12.31 -1.36
C THR B 58 47.15 12.48 -1.38
N VAL B 59 46.56 12.52 -2.57
CA VAL B 59 45.14 12.76 -2.72
C VAL B 59 44.48 11.53 -3.32
N ILE B 60 43.41 11.06 -2.71
CA ILE B 60 42.61 9.98 -3.25
C ILE B 60 41.14 10.41 -3.31
N ALA B 61 40.50 10.16 -4.45
CA ALA B 61 39.11 10.53 -4.67
C ALA B 61 38.34 9.30 -5.14
N PRO B 62 37.68 8.59 -4.23
CA PRO B 62 36.93 7.39 -4.63
C PRO B 62 35.57 7.74 -5.21
N ASP B 63 35.05 6.81 -6.01
CA ASP B 63 33.64 6.80 -6.37
C ASP B 63 32.88 6.04 -5.27
N LEU B 64 31.79 6.64 -4.80
CA LEU B 64 30.95 5.98 -3.80
C LEU B 64 30.46 4.64 -4.36
N PRO B 65 30.25 3.66 -3.49
CA PRO B 65 29.72 2.36 -3.95
C PRO B 65 28.49 2.52 -4.82
N GLY B 66 28.54 1.88 -6.00
CA GLY B 66 27.45 1.88 -6.94
C GLY B 66 27.45 3.03 -7.91
N LEU B 67 28.21 4.09 -7.63
CA LEU B 67 28.30 5.28 -8.45
C LEU B 67 29.64 5.32 -9.16
N GLY B 68 29.72 6.17 -10.17
CA GLY B 68 30.92 6.22 -10.99
C GLY B 68 31.26 4.83 -11.50
N GLN B 69 32.50 4.41 -11.27
CA GLN B 69 32.95 3.09 -11.69
C GLN B 69 33.14 2.13 -10.51
N SER B 70 32.53 2.42 -9.35
CA SER B 70 32.64 1.55 -8.18
C SER B 70 31.47 0.58 -8.15
N GLU B 71 31.74 -0.67 -7.75
CA GLU B 71 30.69 -1.66 -7.60
C GLU B 71 29.75 -1.26 -6.46
N PRO B 72 28.50 -1.70 -6.54
CA PRO B 72 27.55 -1.48 -5.45
C PRO B 72 28.04 -2.13 -4.16
N PRO B 73 27.62 -1.64 -3.01
CA PRO B 73 27.96 -2.31 -1.76
C PRO B 73 27.29 -3.67 -1.67
N LYS B 74 27.98 -4.60 -1.01
CA LYS B 74 27.38 -5.90 -0.76
C LYS B 74 26.72 -5.99 0.61
N THR B 75 26.91 -5.00 1.46
CA THR B 75 26.19 -4.92 2.74
C THR B 75 24.92 -4.08 2.56
N GLY B 76 25.06 -2.78 2.34
CA GLY B 76 23.90 -1.93 2.21
C GLY B 76 24.36 -0.50 2.05
N TYR B 77 23.37 0.40 1.99
CA TYR B 77 23.60 1.80 1.64
C TYR B 77 23.49 2.76 2.82
N SER B 78 23.31 2.26 4.03
CA SER B 78 23.26 3.12 5.21
C SER B 78 24.65 3.69 5.49
N GLY B 79 24.67 4.81 6.23
CA GLY B 79 25.93 5.48 6.48
C GLY B 79 26.96 4.59 7.14
N GLU B 80 26.54 3.81 8.14
CA GLU B 80 27.51 2.95 8.82
C GLU B 80 28.05 1.88 7.87
N GLN B 81 27.20 1.35 7.00
CA GLN B 81 27.65 0.31 6.08
C GLN B 81 28.62 0.86 5.03
N VAL B 82 28.29 2.00 4.43
CA VAL B 82 29.13 2.53 3.37
C VAL B 82 30.44 3.03 3.95
N ALA B 83 30.40 3.59 5.15
CA ALA B 83 31.59 4.17 5.75
C ALA B 83 32.67 3.12 5.96
N VAL B 84 32.29 1.86 6.19
CA VAL B 84 33.29 0.80 6.34
C VAL B 84 34.17 0.72 5.09
N TYR B 85 33.54 0.78 3.91
CA TYR B 85 34.29 0.68 2.66
C TYR B 85 35.27 1.83 2.53
N LEU B 86 34.81 3.05 2.82
CA LEU B 86 35.65 4.22 2.66
C LEU B 86 36.76 4.24 3.71
N HIS B 87 36.44 3.83 4.94
CA HIS B 87 37.47 3.77 5.98
C HIS B 87 38.55 2.76 5.61
N LYS B 88 38.15 1.54 5.24
CA LYS B 88 39.15 0.53 4.90
C LYS B 88 39.94 0.91 3.65
N LEU B 89 39.29 1.55 2.68
CA LEU B 89 40.03 2.02 1.50
C LEU B 89 41.10 3.04 1.90
N ALA B 90 40.74 4.01 2.74
CA ALA B 90 41.73 5.01 3.17
C ALA B 90 42.88 4.34 3.90
N ARG B 91 42.58 3.36 4.76
CA ARG B 91 43.62 2.73 5.57
C ARG B 91 44.57 1.89 4.73
N GLN B 92 44.14 1.41 3.56
CA GLN B 92 45.08 0.72 2.68
C GLN B 92 46.21 1.65 2.24
N PHE B 93 45.94 2.95 2.15
CA PHE B 93 46.93 3.89 1.69
C PHE B 93 47.57 4.71 2.80
N SER B 94 46.96 4.76 3.99
CA SER B 94 47.52 5.50 5.12
C SER B 94 47.37 4.67 6.39
N PRO B 95 48.02 3.49 6.45
CA PRO B 95 47.86 2.63 7.64
C PRO B 95 48.55 3.15 8.89
N ASP B 96 49.56 4.00 8.77
CA ASP B 96 50.41 4.36 9.90
C ASP B 96 50.29 5.82 10.33
N ARG B 97 49.50 6.62 9.62
CA ARG B 97 49.23 8.00 9.94
C ARG B 97 47.74 8.27 9.87
N PRO B 98 47.23 9.21 10.64
CA PRO B 98 45.86 9.69 10.39
C PRO B 98 45.81 10.42 9.06
N PHE B 99 44.64 10.39 8.44
CA PHE B 99 44.42 11.04 7.15
C PHE B 99 43.37 12.13 7.29
N ASP B 100 43.36 13.03 6.30
CA ASP B 100 42.33 14.07 6.22
C ASP B 100 41.15 13.61 5.38
N LEU B 101 40.00 14.17 5.70
CA LEU B 101 38.77 13.80 5.01
C LEU B 101 38.03 15.06 4.60
N VAL B 102 37.69 15.16 3.31
CA VAL B 102 36.85 16.21 2.77
C VAL B 102 35.64 15.53 2.11
N ALA B 103 34.43 16.00 2.43
CA ALA B 103 33.23 15.36 1.92
C ALA B 103 32.15 16.38 1.57
N HIS B 104 31.43 16.11 0.49
CA HIS B 104 30.39 16.96 -0.07
C HIS B 104 29.07 16.19 -0.13
N ASP B 105 27.97 16.81 0.29
CA ASP B 105 26.61 16.26 0.09
C ASP B 105 26.54 14.90 0.76
N ILE B 106 26.04 13.85 0.10
CA ILE B 106 25.91 12.54 0.76
C ILE B 106 27.26 11.90 1.07
N GLY B 107 28.36 12.47 0.58
CA GLY B 107 29.66 12.03 1.08
C GLY B 107 29.79 12.18 2.59
N ILE B 108 29.11 13.19 3.16
CA ILE B 108 29.04 13.35 4.61
C ILE B 108 28.31 12.16 5.22
N TRP B 109 27.14 11.82 4.68
CA TRP B 109 26.38 10.70 5.21
C TRP B 109 27.22 9.44 5.26
N ASN B 110 28.02 9.23 4.23
CA ASN B 110 28.77 8.02 4.04
C ASN B 110 30.12 8.03 4.74
N THR B 111 30.47 9.11 5.45
CA THR B 111 31.74 9.12 6.17
C THR B 111 31.60 9.42 7.66
N TYR B 112 30.56 10.13 8.07
CA TYR B 112 30.44 10.50 9.48
C TYR B 112 30.60 9.32 10.42
N PRO B 113 29.96 8.16 10.21
CA PRO B 113 30.14 7.06 11.17
C PRO B 113 31.58 6.60 11.32
N MET B 114 32.37 6.56 10.24
CA MET B 114 33.74 6.09 10.43
C MET B 114 34.62 7.17 11.04
N VAL B 115 34.28 8.44 10.83
CA VAL B 115 35.00 9.51 11.53
C VAL B 115 34.77 9.39 13.04
N VAL B 116 33.50 9.26 13.44
CA VAL B 116 33.22 9.28 14.87
C VAL B 116 33.71 8.01 15.55
N LYS B 117 33.73 6.88 14.84
CA LYS B 117 34.19 5.62 15.44
C LYS B 117 35.68 5.38 15.33
N ASN B 118 36.40 6.16 14.53
CA ASN B 118 37.85 5.96 14.34
C ASN B 118 38.55 7.31 14.41
N GLN B 119 38.32 8.05 15.49
CA GLN B 119 38.78 9.44 15.56
C GLN B 119 40.30 9.55 15.48
N ALA B 120 41.02 8.56 16.03
CA ALA B 120 42.48 8.57 15.95
C ALA B 120 42.99 8.46 14.51
N ASP B 121 42.15 7.98 13.60
CA ASP B 121 42.53 7.86 12.19
C ASP B 121 42.29 9.13 11.38
N ILE B 122 41.62 10.13 11.95
CA ILE B 122 41.19 11.30 11.19
C ILE B 122 41.96 12.52 11.68
N ALA B 123 42.82 13.08 10.83
CA ALA B 123 43.60 14.22 11.30
C ALA B 123 42.76 15.49 11.29
N ARG B 124 42.17 15.83 10.15
CA ARG B 124 41.36 17.03 9.98
C ARG B 124 40.18 16.71 9.09
N LEU B 125 39.08 17.42 9.29
CA LEU B 125 37.79 17.10 8.69
C LEU B 125 37.19 18.35 8.03
N VAL B 126 36.75 18.21 6.78
CA VAL B 126 36.04 19.29 6.08
C VAL B 126 34.73 18.71 5.54
N TYR B 127 33.62 19.32 5.94
CA TYR B 127 32.29 18.89 5.51
C TYR B 127 31.60 20.06 4.81
N MET B 128 30.94 19.79 3.68
CA MET B 128 30.28 20.88 2.96
C MET B 128 28.95 20.42 2.36
N GLN B 129 27.92 21.23 2.59
CA GLN B 129 26.67 21.22 1.81
C GLN B 129 25.90 19.90 1.94
N ALA B 130 25.62 19.52 3.18
CA ALA B 130 24.58 18.53 3.51
C ALA B 130 24.49 18.38 5.01
N PRO B 131 23.30 18.16 5.56
CA PRO B 131 23.19 17.87 6.98
C PRO B 131 23.80 16.51 7.27
N ILE B 132 24.49 16.40 8.40
CA ILE B 132 24.68 15.05 8.95
C ILE B 132 23.30 14.47 9.21
N PRO B 133 23.03 13.22 8.88
CA PRO B 133 21.69 12.68 9.11
C PRO B 133 21.35 12.65 10.60
N ASP B 134 20.42 13.50 11.02
CA ASP B 134 19.89 13.49 12.37
C ASP B 134 18.49 14.09 12.33
N ALA B 135 17.91 14.32 13.50
CA ALA B 135 16.51 14.76 13.58
C ALA B 135 16.30 16.14 12.97
N ARG B 136 17.38 16.90 12.77
CA ARG B 136 17.21 18.21 12.16
C ARG B 136 16.65 18.12 10.75
N ILE B 137 16.88 17.01 10.05
CA ILE B 137 16.40 16.94 8.67
C ILE B 137 14.88 16.87 8.63
N TYR B 138 14.22 16.49 9.73
CA TYR B 138 12.77 16.42 9.73
C TYR B 138 12.11 17.78 9.86
N ARG B 139 12.90 18.85 10.00
CA ARG B 139 12.38 20.20 10.12
C ARG B 139 12.41 20.98 8.81
N PHE B 140 13.12 20.49 7.79
CA PHE B 140 13.17 21.21 6.53
C PHE B 140 11.79 21.20 5.88
N PRO B 141 11.37 22.30 5.26
CA PRO B 141 10.01 22.39 4.74
C PRO B 141 9.84 21.71 3.39
N ALA B 142 8.62 21.20 3.18
CA ALA B 142 8.25 20.56 1.93
C ALA B 142 8.07 21.54 0.78
N PHE B 143 7.79 22.80 1.08
CA PHE B 143 7.38 23.77 0.06
C PHE B 143 7.58 25.16 0.64
N THR B 144 8.00 26.11 -0.21
CA THR B 144 8.32 27.45 0.27
C THR B 144 7.53 28.49 -0.53
N ALA B 145 7.43 29.69 0.05
CA ALA B 145 6.70 30.77 -0.61
C ALA B 145 7.34 31.22 -1.92
N GLN B 146 8.53 30.73 -2.25
CA GLN B 146 9.18 30.99 -3.53
C GLN B 146 9.09 29.82 -4.49
N GLY B 147 8.48 28.70 -4.09
CA GLY B 147 8.40 27.52 -4.92
C GLY B 147 9.06 26.33 -4.23
N GLU B 148 9.71 25.48 -5.05
CA GLU B 148 10.22 24.22 -4.53
C GLU B 148 11.31 24.46 -3.49
N SER B 149 11.33 23.56 -2.50
CA SER B 149 12.21 23.65 -1.33
C SER B 149 13.53 22.94 -1.60
N LEU B 150 14.46 23.05 -0.63
CA LEU B 150 15.80 22.49 -0.81
C LEU B 150 15.82 20.97 -0.80
N VAL B 151 15.00 20.32 0.02
CA VAL B 151 15.20 18.89 0.22
C VAL B 151 13.93 18.06 0.01
N TRP B 152 12.97 18.56 -0.76
CA TRP B 152 11.83 17.71 -1.10
C TRP B 152 12.29 16.46 -1.84
N HIS B 153 13.45 16.51 -2.48
CA HIS B 153 13.95 15.32 -3.15
C HIS B 153 14.30 14.19 -2.18
N PHE B 154 14.47 14.48 -0.88
CA PHE B 154 14.66 13.39 0.09
C PHE B 154 13.51 12.39 0.00
N SER B 155 12.27 12.90 -0.10
CA SER B 155 11.11 12.02 -0.15
C SER B 155 10.93 11.39 -1.53
N PHE B 156 11.21 12.17 -2.59
CA PHE B 156 11.17 11.65 -3.95
C PHE B 156 12.11 10.45 -4.11
N PHE B 157 13.35 10.62 -3.68
CA PHE B 157 14.36 9.58 -3.88
C PHE B 157 14.12 8.39 -2.94
N ALA B 158 13.60 8.62 -1.74
CA ALA B 158 13.39 7.53 -0.80
C ALA B 158 12.11 6.75 -1.05
N ALA B 159 11.22 7.26 -1.90
CA ALA B 159 9.95 6.60 -2.18
C ALA B 159 10.17 5.19 -2.71
N ASP B 160 9.24 4.28 -2.40
CA ASP B 160 9.36 2.91 -2.90
C ASP B 160 8.81 2.80 -4.32
N ASP B 161 8.50 1.57 -4.74
CA ASP B 161 8.10 1.29 -6.12
C ASP B 161 9.15 1.71 -7.14
N ARG B 162 10.41 1.87 -6.72
CA ARG B 162 11.43 2.46 -7.59
C ARG B 162 10.88 3.69 -8.31
N LEU B 163 10.20 4.55 -7.53
CA LEU B 163 9.53 5.70 -8.12
C LEU B 163 10.50 6.57 -8.92
N ALA B 164 11.65 6.90 -8.33
CA ALA B 164 12.60 7.79 -8.97
C ALA B 164 13.24 7.14 -10.21
N GLU B 165 13.73 5.90 -10.08
CA GLU B 165 14.29 5.21 -11.26
C GLU B 165 13.29 5.15 -12.39
N THR B 166 12.03 4.84 -12.06
CA THR B 166 11.05 4.59 -13.11
C THR B 166 10.71 5.89 -13.84
N LEU B 167 10.58 6.99 -13.11
CA LEU B 167 10.26 8.27 -13.75
C LEU B 167 11.47 8.89 -14.45
N ILE B 168 12.67 8.63 -13.99
CA ILE B 168 13.84 9.32 -14.52
C ILE B 168 14.51 8.53 -15.66
N ALA B 169 14.35 7.21 -15.69
CA ALA B 169 14.90 6.43 -16.81
C ALA B 169 14.39 6.98 -18.15
N GLY B 170 15.32 7.14 -19.10
CA GLY B 170 15.02 7.79 -20.36
C GLY B 170 15.02 9.30 -20.31
N LYS B 171 15.16 9.89 -19.12
CA LYS B 171 15.18 11.33 -18.94
C LYS B 171 16.31 11.72 -17.99
N GLU B 172 17.39 10.92 -17.97
CA GLU B 172 18.42 11.10 -16.96
C GLU B 172 19.15 12.42 -17.15
N ARG B 173 19.48 12.76 -18.40
CA ARG B 173 20.14 14.02 -18.70
C ARG B 173 19.26 15.20 -18.35
N PHE B 174 17.99 15.15 -18.76
CA PHE B 174 17.05 16.22 -18.42
C PHE B 174 16.95 16.39 -16.91
N PHE B 175 16.77 15.29 -16.18
CA PHE B 175 16.56 15.43 -14.75
C PHE B 175 17.81 15.97 -14.05
N LEU B 176 18.99 15.49 -14.46
CA LEU B 176 20.20 15.92 -13.77
C LEU B 176 20.47 17.39 -14.00
N GLU B 177 20.21 17.88 -15.23
CA GLU B 177 20.36 19.31 -15.47
C GLU B 177 19.40 20.10 -14.62
N HIS B 178 18.14 19.65 -14.50
CA HIS B 178 17.21 20.37 -13.65
C HIS B 178 17.67 20.38 -12.19
N PHE B 179 18.11 19.23 -11.68
CA PHE B 179 18.45 19.13 -10.26
C PHE B 179 19.70 19.95 -9.96
N ILE B 180 20.70 19.89 -10.84
CA ILE B 180 21.90 20.66 -10.61
C ILE B 180 21.57 22.15 -10.63
N LYS B 181 20.85 22.59 -11.65
CA LYS B 181 20.63 24.03 -11.78
C LYS B 181 19.64 24.54 -10.73
N SER B 182 18.68 23.72 -10.29
CA SER B 182 17.76 24.16 -9.25
C SER B 182 18.44 24.28 -7.90
N HIS B 183 19.61 23.67 -7.71
CA HIS B 183 20.36 23.82 -6.47
C HIS B 183 21.63 24.65 -6.66
N ALA B 184 21.76 25.35 -7.79
CA ALA B 184 22.91 26.18 -8.08
C ALA B 184 22.58 27.65 -7.96
N SER B 185 23.61 28.44 -7.63
CA SER B 185 23.57 29.87 -7.88
C SER B 185 24.21 30.21 -9.22
N ASN B 186 25.31 29.55 -9.55
CA ASN B 186 26.09 29.82 -10.75
C ASN B 186 25.92 28.64 -11.70
N THR B 187 24.93 28.73 -12.59
CA THR B 187 24.68 27.61 -13.49
C THR B 187 25.61 27.62 -14.70
N GLU B 188 26.24 28.75 -15.00
CA GLU B 188 27.09 28.83 -16.18
C GLU B 188 28.30 27.90 -16.10
N VAL B 189 28.65 27.41 -14.91
CA VAL B 189 29.82 26.54 -14.80
C VAL B 189 29.56 25.12 -15.26
N PHE B 190 28.31 24.79 -15.58
CA PHE B 190 27.94 23.43 -15.98
C PHE B 190 27.74 23.41 -17.49
N SER B 191 28.83 23.20 -18.21
CA SER B 191 28.81 23.09 -19.66
C SER B 191 27.95 21.89 -20.08
N GLU B 192 27.54 21.91 -21.35
CA GLU B 192 26.81 20.77 -21.90
C GLU B 192 27.65 19.50 -21.84
N ARG B 193 28.96 19.61 -22.08
CA ARG B 193 29.82 18.44 -21.99
C ARG B 193 29.89 17.91 -20.57
N LEU B 194 30.02 18.79 -19.59
CA LEU B 194 30.09 18.36 -18.19
C LEU B 194 28.80 17.66 -17.78
N LEU B 195 27.65 18.24 -18.15
CA LEU B 195 26.38 17.61 -17.83
C LEU B 195 26.24 16.26 -18.55
N ASP B 196 26.69 16.20 -19.81
CA ASP B 196 26.69 14.92 -20.54
C ASP B 196 27.45 13.85 -19.77
N LEU B 197 28.65 14.19 -19.27
CA LEU B 197 29.49 13.21 -18.59
C LEU B 197 28.85 12.71 -17.29
N TYR B 198 28.31 13.64 -16.48
CA TYR B 198 27.66 13.23 -15.24
C TYR B 198 26.41 12.41 -15.52
N ALA B 199 25.62 12.82 -16.51
CA ALA B 199 24.38 12.10 -16.80
C ALA B 199 24.68 10.70 -17.31
N ARG B 200 25.67 10.57 -18.21
CA ARG B 200 26.08 9.25 -18.69
C ARG B 200 26.44 8.33 -17.54
N SER B 201 27.17 8.85 -16.55
CA SER B 201 27.61 8.02 -15.43
C SER B 201 26.44 7.54 -14.60
N TYR B 202 25.58 8.45 -14.15
CA TYR B 202 24.56 7.97 -13.22
C TYR B 202 23.38 7.33 -13.94
N ALA B 203 23.33 7.40 -15.27
CA ALA B 203 22.31 6.70 -16.03
C ALA B 203 22.55 5.20 -16.14
N LYS B 204 23.77 4.72 -15.87
CA LYS B 204 23.98 3.29 -15.74
C LYS B 204 22.93 2.74 -14.78
N PRO B 205 22.17 1.70 -15.17
CA PRO B 205 21.05 1.27 -14.31
C PRO B 205 21.44 0.98 -12.88
N HIS B 206 22.59 0.35 -12.64
CA HIS B 206 22.94 0.08 -11.23
C HIS B 206 23.32 1.37 -10.51
N SER B 207 23.81 2.37 -11.25
CA SER B 207 24.18 3.64 -10.63
C SER B 207 22.96 4.51 -10.39
N LEU B 208 21.97 4.47 -11.29
CA LEU B 208 20.72 5.19 -11.05
C LEU B 208 20.04 4.65 -9.80
N ASN B 209 19.97 3.33 -9.67
CA ASN B 209 19.41 2.74 -8.45
C ASN B 209 20.27 3.06 -7.24
N ALA B 210 21.60 2.91 -7.35
CA ALA B 210 22.46 3.21 -6.21
C ALA B 210 22.22 4.62 -5.70
N SER B 211 22.06 5.57 -6.63
CA SER B 211 21.87 6.97 -6.25
C SER B 211 20.73 7.13 -5.26
N PHE B 212 19.61 6.46 -5.52
CA PHE B 212 18.45 6.61 -4.67
C PHE B 212 18.48 5.68 -3.46
N GLU B 213 19.23 4.58 -3.52
CA GLU B 213 19.32 3.72 -2.35
C GLU B 213 19.99 4.44 -1.17
N TYR B 214 20.90 5.39 -1.44
CA TYR B 214 21.41 6.21 -0.34
C TYR B 214 20.27 6.92 0.39
N TYR B 215 19.28 7.41 -0.33
CA TYR B 215 18.15 8.10 0.30
C TYR B 215 17.16 7.12 0.93
N ARG B 216 16.99 5.94 0.34
CA ARG B 216 16.12 4.94 0.94
C ARG B 216 16.66 4.43 2.27
N ALA B 217 17.96 4.64 2.53
CA ALA B 217 18.58 4.28 3.79
C ALA B 217 18.73 5.46 4.73
N LEU B 218 18.21 6.65 4.36
CA LEU B 218 18.48 7.86 5.14
C LEU B 218 17.91 7.76 6.55
N ASN B 219 16.68 7.25 6.71
CA ASN B 219 16.12 7.16 8.06
C ASN B 219 16.91 6.18 8.90
N GLU B 220 17.37 5.09 8.30
CA GLU B 220 18.22 4.16 9.03
C GLU B 220 19.51 4.85 9.46
N SER B 221 20.06 5.69 8.59
CA SER B 221 21.28 6.42 8.93
C SER B 221 21.04 7.39 10.09
N VAL B 222 19.91 8.10 10.07
CA VAL B 222 19.52 8.94 11.21
C VAL B 222 19.49 8.12 12.49
N ARG B 223 18.86 6.94 12.44
CA ARG B 223 18.77 6.14 13.66
C ARG B 223 20.14 5.66 14.10
N GLN B 224 21.01 5.27 13.15
CA GLN B 224 22.38 4.88 13.49
C GLN B 224 23.12 6.03 14.15
N ASN B 225 23.01 7.22 13.58
CA ASN B 225 23.75 8.38 14.08
C ASN B 225 23.26 8.83 15.45
N ALA B 226 22.02 8.52 15.79
CA ALA B 226 21.52 8.90 17.12
C ALA B 226 22.33 8.22 18.21
N GLU B 227 22.82 7.02 17.96
CA GLU B 227 23.72 6.37 18.93
C GLU B 227 25.15 6.87 18.79
N LEU B 228 25.62 7.05 17.56
CA LEU B 228 27.02 7.44 17.34
C LEU B 228 27.30 8.83 17.90
N ALA B 229 26.33 9.74 17.79
CA ALA B 229 26.55 11.13 18.17
C ALA B 229 26.74 11.33 19.67
N LYS B 230 26.58 10.27 20.47
CA LYS B 230 26.91 10.37 21.89
C LYS B 230 28.39 10.63 22.10
N THR B 231 29.24 10.37 21.11
CA THR B 231 30.66 10.68 21.16
C THR B 231 30.94 11.88 20.28
N ARG B 232 31.43 12.96 20.89
CA ARG B 232 31.72 14.19 20.18
C ARG B 232 32.97 14.04 19.31
N LEU B 233 33.04 14.82 18.23
CA LEU B 233 34.23 14.84 17.39
C LEU B 233 35.29 15.77 17.97
N GLN B 234 36.53 15.28 18.04
CA GLN B 234 37.61 16.03 18.68
C GLN B 234 38.61 16.63 17.70
N MET B 235 38.62 16.22 16.43
CA MET B 235 39.64 16.72 15.51
C MET B 235 39.27 18.10 14.96
N PRO B 236 40.27 18.85 14.48
CA PRO B 236 39.96 20.14 13.82
C PRO B 236 39.03 19.94 12.64
N THR B 237 37.95 20.70 12.61
CA THR B 237 36.91 20.58 11.61
CA THR B 237 36.95 20.58 11.57
C THR B 237 36.62 21.94 10.99
N MET B 238 36.33 21.95 9.70
CA MET B 238 35.86 23.14 8.99
C MET B 238 34.61 22.77 8.21
N THR B 239 33.61 23.64 8.26
CA THR B 239 32.44 23.48 7.41
C THR B 239 32.42 24.56 6.34
N LEU B 240 31.92 24.22 5.16
CA LEU B 240 31.67 25.20 4.11
C LEU B 240 30.24 25.06 3.62
N ALA B 241 29.64 26.18 3.23
CA ALA B 241 28.28 26.15 2.74
C ALA B 241 28.09 27.33 1.81
N GLY B 242 27.20 27.18 0.83
CA GLY B 242 26.86 28.30 -0.02
C GLY B 242 25.89 29.26 0.65
N GLY B 243 26.05 30.55 0.33
CA GLY B 243 25.15 31.57 0.84
C GLY B 243 24.07 31.94 -0.15
N GLY B 244 24.21 31.48 -1.39
CA GLY B 244 23.27 31.82 -2.44
C GLY B 244 22.18 30.76 -2.61
N HIS B 245 21.43 30.90 -3.71
CA HIS B 245 20.39 29.93 -4.02
C HIS B 245 20.94 28.52 -4.07
N GLY B 246 20.29 27.60 -3.34
CA GLY B 246 20.75 26.24 -3.21
C GLY B 246 21.69 26.00 -2.04
N GLY B 247 22.17 27.05 -1.38
CA GLY B 247 23.13 26.86 -0.30
C GLY B 247 22.47 26.54 1.03
N MET B 248 23.21 25.85 1.90
CA MET B 248 22.73 25.56 3.25
C MET B 248 22.81 26.76 4.18
N GLY B 249 23.57 27.80 3.82
CA GLY B 249 23.66 28.96 4.71
C GLY B 249 24.31 28.61 6.04
N THR B 250 23.79 29.22 7.12
CA THR B 250 24.37 29.00 8.44
C THR B 250 24.06 27.62 9.01
N PHE B 251 23.17 26.84 8.39
CA PHE B 251 22.82 25.54 8.96
C PHE B 251 24.04 24.65 9.12
N GLN B 252 24.93 24.64 8.12
CA GLN B 252 26.05 23.70 8.12
C GLN B 252 26.89 23.86 9.38
N LEU B 253 27.34 25.08 9.67
CA LEU B 253 28.17 25.32 10.85
C LEU B 253 27.38 25.12 12.13
N GLU B 254 26.12 25.60 12.15
CA GLU B 254 25.36 25.52 13.39
C GLU B 254 25.10 24.07 13.78
N GLN B 255 24.84 23.21 12.81
CA GLN B 255 24.70 21.78 13.13
C GLN B 255 26.01 21.21 13.61
N MET B 256 27.11 21.56 12.92
CA MET B 256 28.40 20.97 13.26
C MET B 256 28.84 21.37 14.67
N LYS B 257 28.43 22.54 15.13
CA LYS B 257 28.76 22.95 16.50
C LYS B 257 28.26 21.93 17.52
N ALA B 258 27.18 21.22 17.21
CA ALA B 258 26.67 20.22 18.16
C ALA B 258 27.46 18.92 18.09
N TYR B 259 28.24 18.71 17.04
CA TYR B 259 29.00 17.48 16.83
C TYR B 259 30.48 17.62 17.14
N ALA B 260 31.05 18.81 17.00
CA ALA B 260 32.50 18.97 17.04
C ALA B 260 32.91 20.05 18.03
N GLU B 261 33.95 19.74 18.82
CA GLU B 261 34.46 20.70 19.80
C GLU B 261 35.24 21.83 19.13
N ASP B 262 35.93 21.53 18.04
CA ASP B 262 36.88 22.45 17.41
C ASP B 262 36.44 22.57 15.96
N VAL B 263 35.66 23.60 15.66
CA VAL B 263 35.06 23.76 14.34
C VAL B 263 35.06 25.23 13.95
N GLU B 264 35.40 25.50 12.70
CA GLU B 264 35.27 26.81 12.09
C GLU B 264 34.43 26.66 10.84
N GLY B 265 33.70 27.70 10.49
CA GLY B 265 32.78 27.62 9.38
C GLY B 265 32.86 28.85 8.49
N HIS B 266 32.56 28.63 7.21
CA HIS B 266 32.41 29.72 6.26
C HIS B 266 31.18 29.51 5.41
N VAL B 267 30.49 30.62 5.17
CA VAL B 267 29.39 30.70 4.20
C VAL B 267 29.87 31.53 3.03
N LEU B 268 29.74 31.00 1.81
CA LEU B 268 30.26 31.67 0.62
C LEU B 268 29.14 32.39 -0.09
N PRO B 269 29.06 33.72 -0.02
CA PRO B 269 28.00 34.43 -0.75
C PRO B 269 28.15 34.20 -2.24
N GLY B 270 27.01 34.18 -2.94
CA GLY B 270 27.01 34.01 -4.37
C GLY B 270 27.26 32.61 -4.86
N CYS B 271 27.22 31.61 -3.97
CA CYS B 271 27.47 30.23 -4.30
C CYS B 271 26.32 29.38 -3.81
N GLY B 272 25.98 28.36 -4.58
CA GLY B 272 24.92 27.44 -4.20
C GLY B 272 25.41 26.13 -3.64
N HIS B 273 24.86 25.02 -4.13
CA HIS B 273 25.18 23.72 -3.56
C HIS B 273 26.51 23.17 -4.08
N TRP B 274 26.85 23.44 -5.33
CA TRP B 274 27.91 22.70 -5.99
C TRP B 274 29.25 23.43 -5.85
N LEU B 275 29.70 23.57 -4.60
CA LEU B 275 30.85 24.43 -4.31
C LEU B 275 32.10 24.13 -5.11
N PRO B 276 32.51 22.88 -5.32
CA PRO B 276 33.75 22.65 -6.09
C PRO B 276 33.68 23.14 -7.52
N GLU B 277 32.49 23.27 -8.09
CA GLU B 277 32.33 23.76 -9.46
C GLU B 277 31.83 25.19 -9.51
N GLU B 278 30.82 25.53 -8.71
CA GLU B 278 30.30 26.90 -8.72
C GLU B 278 31.31 27.89 -8.20
N CYS B 279 32.10 27.49 -7.22
CA CYS B 279 32.97 28.43 -6.53
C CYS B 279 34.31 27.77 -6.27
N ALA B 280 34.89 27.25 -7.36
CA ALA B 280 36.08 26.42 -7.26
C ALA B 280 37.23 27.14 -6.58
N ALA B 281 37.54 28.37 -7.00
CA ALA B 281 38.75 29.01 -6.47
C ALA B 281 38.66 29.31 -4.97
N PRO B 282 37.62 29.98 -4.45
CA PRO B 282 37.61 30.22 -2.99
C PRO B 282 37.45 28.95 -2.18
N MET B 283 36.66 28.00 -2.67
CA MET B 283 36.53 26.73 -1.96
C MET B 283 37.88 26.02 -1.89
N ASN B 284 38.58 25.97 -3.03
CA ASN B 284 39.90 25.35 -3.05
C ASN B 284 40.83 25.99 -2.03
N ARG B 285 40.85 27.33 -2.00
CA ARG B 285 41.75 28.03 -1.09
C ARG B 285 41.42 27.73 0.37
N LEU B 286 40.13 27.76 0.72
CA LEU B 286 39.78 27.53 2.12
C LEU B 286 40.16 26.11 2.55
N VAL B 287 39.92 25.12 1.68
CA VAL B 287 40.28 23.74 2.01
C VAL B 287 41.79 23.59 2.12
N ILE B 288 42.54 24.10 1.14
CA ILE B 288 43.99 23.94 1.16
C ILE B 288 44.57 24.62 2.39
N ASP B 289 44.15 25.85 2.68
CA ASP B 289 44.67 26.54 3.85
C ASP B 289 44.34 25.79 5.14
N PHE B 290 43.10 25.31 5.26
CA PHE B 290 42.71 24.61 6.48
C PHE B 290 43.53 23.33 6.67
N LEU B 291 43.70 22.56 5.58
CA LEU B 291 44.46 21.32 5.71
C LEU B 291 45.95 21.58 5.89
N SER B 292 46.43 22.70 5.38
CA SER B 292 47.88 22.95 5.42
C SER B 292 48.34 23.50 6.76
N ARG B 293 47.43 23.76 7.70
CA ARG B 293 47.86 24.01 9.07
C ARG B 293 48.42 22.76 9.75
N GLY B 294 48.04 21.58 9.27
CA GLY B 294 48.61 20.34 9.75
C GLY B 294 49.91 19.99 9.04
N ARG B 295 50.54 18.92 9.51
CA ARG B 295 51.82 18.48 8.93
C ARG B 295 51.65 18.13 7.46
N HIS B 296 52.58 18.62 6.63
CA HIS B 296 52.55 18.31 5.20
C HIS B 296 53.92 18.48 4.58
N ALA C 1 27.92 -18.48 1.27
CA ALA C 1 26.73 -17.96 0.61
C ALA C 1 25.69 -17.51 1.64
N GLU C 2 25.29 -16.23 1.58
CA GLU C 2 24.34 -15.69 2.53
C GLU C 2 23.18 -15.06 1.80
N GLU C 3 21.96 -15.36 2.26
CA GLU C 3 20.78 -14.75 1.64
C GLU C 3 20.63 -13.28 2.02
N PHE C 4 21.13 -12.86 3.18
CA PHE C 4 20.97 -11.50 3.69
C PHE C 4 22.28 -11.04 4.32
N PRO C 5 22.60 -9.75 4.23
CA PRO C 5 23.89 -9.30 4.76
C PRO C 5 23.91 -9.27 6.29
N VAL C 6 24.99 -9.80 6.84
CA VAL C 6 25.18 -9.90 8.29
C VAL C 6 25.65 -8.54 8.81
N PRO C 7 25.11 -8.03 9.91
CA PRO C 7 25.60 -6.76 10.44
C PRO C 7 27.05 -6.89 10.89
N ASN C 8 27.74 -5.75 10.89
CA ASN C 8 29.14 -5.75 11.30
C ASN C 8 29.29 -6.31 12.71
N GLY C 9 30.24 -7.22 12.88
CA GLY C 9 30.48 -7.82 14.18
C GLY C 9 29.59 -9.00 14.52
N PHE C 10 28.71 -9.41 13.62
CA PHE C 10 27.93 -10.62 13.81
C PHE C 10 28.47 -11.73 12.92
N GLU C 11 28.15 -12.97 13.27
CA GLU C 11 28.53 -14.12 12.46
C GLU C 11 27.30 -14.88 12.03
N SER C 12 27.34 -15.41 10.81
CA SER C 12 26.35 -16.35 10.31
C SER C 12 26.89 -17.77 10.56
N ALA C 13 26.08 -18.62 11.17
CA ALA C 13 26.54 -19.95 11.53
C ALA C 13 25.37 -20.92 11.53
N TYR C 14 25.67 -22.19 11.79
CA TYR C 14 24.66 -23.24 11.81
C TYR C 14 24.86 -24.11 13.04
N ARG C 15 23.75 -24.65 13.54
CA ARG C 15 23.84 -25.59 14.65
C ARG C 15 22.87 -26.73 14.37
N GLU C 16 23.38 -27.97 14.40
CA GLU C 16 22.52 -29.14 14.26
C GLU C 16 21.78 -29.37 15.57
N VAL C 17 20.45 -29.45 15.50
CA VAL C 17 19.62 -29.67 16.68
C VAL C 17 18.64 -30.77 16.34
N ASP C 18 18.71 -31.89 17.06
CA ASP C 18 17.86 -33.05 16.81
C ASP C 18 17.83 -33.40 15.33
N GLY C 19 19.02 -33.41 14.72
CA GLY C 19 19.17 -33.81 13.34
C GLY C 19 18.77 -32.77 12.31
N VAL C 20 18.46 -31.55 12.73
CA VAL C 20 18.03 -30.48 11.84
C VAL C 20 19.06 -29.35 11.91
N LYS C 21 19.60 -28.97 10.75
CA LYS C 21 20.61 -27.92 10.70
C LYS C 21 19.91 -26.56 10.68
N LEU C 22 20.04 -25.81 11.77
CA LEU C 22 19.42 -24.50 11.90
C LEU C 22 20.44 -23.42 11.59
N HIS C 23 20.05 -22.45 10.76
CA HIS C 23 20.86 -21.27 10.53
C HIS C 23 20.55 -20.20 11.57
N TYR C 24 21.56 -19.44 11.98
CA TYR C 24 21.31 -18.31 12.86
C TYR C 24 22.38 -17.26 12.63
N VAL C 25 22.08 -16.04 13.10
CA VAL C 25 23.05 -14.95 13.15
C VAL C 25 23.22 -14.53 14.60
N LYS C 26 24.49 -14.38 15.04
CA LYS C 26 24.78 -14.21 16.46
C LYS C 26 25.83 -13.13 16.66
N GLY C 27 25.69 -12.35 17.74
CA GLY C 27 26.67 -11.35 18.07
C GLY C 27 26.43 -10.81 19.46
N GLY C 28 27.43 -10.10 19.98
CA GLY C 28 27.28 -9.45 21.26
C GLY C 28 27.78 -10.28 22.42
N GLN C 29 27.64 -9.68 23.61
CA GLN C 29 28.10 -10.26 24.86
C GLN C 29 27.07 -10.01 25.95
N GLY C 30 27.00 -10.92 26.90
CA GLY C 30 26.07 -10.79 28.01
C GLY C 30 25.01 -11.86 27.97
N PRO C 31 23.96 -11.71 28.78
CA PRO C 31 22.86 -12.67 28.77
C PRO C 31 22.26 -12.80 27.38
N LEU C 32 21.70 -13.98 27.11
CA LEU C 32 21.22 -14.30 25.77
C LEU C 32 19.82 -13.79 25.52
N VAL C 33 19.63 -13.20 24.33
CA VAL C 33 18.29 -12.89 23.82
CA VAL C 33 18.29 -12.86 23.81
C VAL C 33 18.15 -13.57 22.46
N MET C 34 17.05 -14.29 22.28
CA MET C 34 16.77 -14.95 21.02
C MET C 34 15.61 -14.22 20.35
N LEU C 35 15.79 -13.86 19.07
CA LEU C 35 14.79 -13.15 18.27
C LEU C 35 14.27 -14.10 17.20
N VAL C 36 12.96 -14.32 17.14
CA VAL C 36 12.39 -15.32 16.25
C VAL C 36 11.42 -14.65 15.28
N HIS C 37 11.75 -14.73 13.99
CA HIS C 37 11.04 -14.05 12.92
C HIS C 37 9.73 -14.77 12.59
N GLY C 38 9.00 -14.21 11.63
CA GLY C 38 7.74 -14.79 11.20
C GLY C 38 7.61 -15.04 9.72
N PHE C 39 6.36 -15.23 9.28
CA PHE C 39 6.09 -15.64 7.92
C PHE C 39 6.51 -14.57 6.91
N GLY C 40 7.05 -15.01 5.78
CA GLY C 40 7.50 -14.11 4.72
C GLY C 40 8.86 -13.52 4.94
N GLN C 41 9.48 -13.80 6.07
CA GLN C 41 10.72 -13.14 6.45
C GLN C 41 11.69 -14.17 7.01
N THR C 42 12.80 -13.68 7.55
CA THR C 42 13.88 -14.49 8.08
C THR C 42 14.46 -13.76 9.27
N TRP C 43 15.62 -14.23 9.75
CA TRP C 43 16.35 -13.53 10.81
C TRP C 43 16.56 -12.07 10.46
N TYR C 44 16.61 -11.75 9.16
CA TYR C 44 16.99 -10.42 8.71
C TYR C 44 16.01 -9.34 9.17
N GLU C 45 14.75 -9.68 9.46
CA GLU C 45 13.84 -8.64 9.93
C GLU C 45 14.35 -7.97 11.19
N TRP C 46 15.26 -8.63 11.92
CA TRP C 46 15.81 -8.13 13.16
C TRP C 46 17.11 -7.35 12.98
N HIS C 47 17.59 -7.17 11.75
CA HIS C 47 18.99 -6.75 11.59
C HIS C 47 19.24 -5.31 12.05
N GLN C 48 18.20 -4.48 12.19
CA GLN C 48 18.41 -3.14 12.72
C GLN C 48 18.38 -3.11 14.24
N LEU C 49 17.60 -4.00 14.85
CA LEU C 49 17.53 -4.10 16.30
C LEU C 49 18.74 -4.81 16.88
N MET C 50 19.30 -5.76 16.13
CA MET C 50 20.37 -6.61 16.66
C MET C 50 21.61 -5.84 17.12
N PRO C 51 22.15 -4.88 16.37
CA PRO C 51 23.35 -4.18 16.86
C PRO C 51 23.12 -3.43 18.15
N GLU C 52 21.91 -2.90 18.36
CA GLU C 52 21.61 -2.14 19.57
C GLU C 52 21.55 -3.05 20.78
N LEU C 53 20.82 -4.17 20.65
CA LEU C 53 20.77 -5.16 21.73
C LEU C 53 22.14 -5.75 22.02
N ALA C 54 22.96 -5.94 20.99
CA ALA C 54 24.26 -6.58 21.19
C ALA C 54 25.21 -5.75 22.05
N LYS C 55 24.88 -4.47 22.33
CA LYS C 55 25.70 -3.70 23.25
C LYS C 55 25.52 -4.15 24.70
N ARG C 56 24.43 -4.87 25.00
CA ARG C 56 24.10 -5.31 26.34
C ARG C 56 23.83 -6.80 26.44
N PHE C 57 23.62 -7.50 25.33
CA PHE C 57 23.22 -8.91 25.34
C PHE C 57 24.00 -9.68 24.29
N THR C 58 24.07 -10.99 24.49
CA THR C 58 24.36 -11.89 23.39
C THR C 58 23.08 -12.10 22.60
N VAL C 59 23.09 -11.84 21.30
CA VAL C 59 21.88 -11.89 20.48
C VAL C 59 22.00 -13.02 19.47
N ILE C 60 20.95 -13.85 19.37
CA ILE C 60 20.88 -14.89 18.37
CA ILE C 60 20.87 -14.90 18.37
C ILE C 60 19.55 -14.78 17.64
N ALA C 61 19.59 -14.83 16.32
CA ALA C 61 18.41 -14.72 15.47
C ALA C 61 18.42 -15.91 14.52
N PRO C 62 17.68 -16.98 14.84
CA PRO C 62 17.66 -18.16 13.97
C PRO C 62 16.66 -18.00 12.84
N ASP C 63 16.87 -18.76 11.78
CA ASP C 63 15.85 -18.97 10.76
C ASP C 63 14.97 -20.13 11.18
N LEU C 64 13.64 -19.93 11.13
CA LEU C 64 12.71 -21.01 11.48
C LEU C 64 12.95 -22.23 10.59
N PRO C 65 12.68 -23.43 11.09
CA PRO C 65 12.91 -24.63 10.28
C PRO C 65 12.24 -24.52 8.92
N GLY C 66 13.00 -24.81 7.87
CA GLY C 66 12.52 -24.78 6.51
C GLY C 66 12.58 -23.41 5.85
N LEU C 67 12.67 -22.35 6.63
CA LEU C 67 12.73 -20.98 6.12
C LEU C 67 14.16 -20.44 6.21
N GLY C 68 14.42 -19.38 5.44
CA GLY C 68 15.78 -18.88 5.37
C GLY C 68 16.76 -19.98 4.99
N GLN C 69 17.84 -20.11 5.77
CA GLN C 69 18.86 -21.12 5.51
C GLN C 69 18.78 -22.28 6.49
N SER C 70 17.65 -22.47 7.16
CA SER C 70 17.45 -23.60 8.07
C SER C 70 16.79 -24.77 7.38
N GLU C 71 17.23 -25.99 7.72
CA GLU C 71 16.59 -27.19 7.20
C GLU C 71 15.17 -27.34 7.75
N PRO C 72 14.29 -28.00 6.99
CA PRO C 72 12.94 -28.29 7.49
C PRO C 72 12.98 -29.13 8.76
N PRO C 73 11.93 -29.07 9.58
CA PRO C 73 11.87 -29.93 10.76
C PRO C 73 11.71 -31.38 10.35
N LYS C 74 12.23 -32.27 11.19
CA LYS C 74 12.07 -33.70 10.97
C LYS C 74 10.85 -34.28 11.69
N THR C 75 10.39 -33.62 12.74
CA THR C 75 9.19 -34.05 13.46
C THR C 75 7.94 -33.50 12.77
N GLY C 76 7.77 -32.19 12.80
CA GLY C 76 6.59 -31.60 12.20
C GLY C 76 6.60 -30.11 12.44
N TYR C 77 5.53 -29.46 11.98
CA TYR C 77 5.44 -28.01 11.98
C TYR C 77 4.50 -27.44 13.03
N SER C 78 3.91 -28.27 13.88
CA SER C 78 3.10 -27.73 14.96
C SER C 78 3.97 -26.96 15.95
N GLY C 79 3.31 -26.09 16.72
CA GLY C 79 4.04 -25.21 17.62
C GLY C 79 4.89 -25.99 18.62
N GLU C 80 4.33 -27.06 19.18
CA GLU C 80 5.06 -27.82 20.19
C GLU C 80 6.27 -28.51 19.56
N GLN C 81 6.13 -29.01 18.33
CA GLN C 81 7.26 -29.66 17.68
C GLN C 81 8.37 -28.67 17.36
N VAL C 82 8.02 -27.55 16.72
CA VAL C 82 9.05 -26.59 16.33
C VAL C 82 9.70 -25.97 17.55
N ALA C 83 8.94 -25.75 18.62
CA ALA C 83 9.50 -25.11 19.80
C ALA C 83 10.61 -25.93 20.43
N VAL C 84 10.58 -27.26 20.29
CA VAL C 84 11.69 -28.05 20.81
C VAL C 84 13.00 -27.61 20.16
N TYR C 85 12.98 -27.39 18.84
CA TYR C 85 14.21 -27.01 18.15
C TYR C 85 14.74 -25.68 18.65
N LEU C 86 13.84 -24.70 18.84
CA LEU C 86 14.28 -23.37 19.24
C LEU C 86 14.72 -23.35 20.70
N HIS C 87 14.03 -24.10 21.57
CA HIS C 87 14.45 -24.17 22.97
C HIS C 87 15.83 -24.81 23.09
N LYS C 88 16.05 -25.94 22.41
CA LYS C 88 17.35 -26.59 22.48
C LYS C 88 18.44 -25.71 21.88
N LEU C 89 18.15 -25.01 20.79
CA LEU C 89 19.14 -24.10 20.22
C LEU C 89 19.55 -23.05 21.23
N ALA C 90 18.58 -22.34 21.81
CA ALA C 90 18.91 -21.32 22.81
C ALA C 90 19.71 -21.91 23.96
N ARG C 91 19.32 -23.10 24.42
CA ARG C 91 19.98 -23.67 25.59
C ARG C 91 21.40 -24.12 25.29
N GLN C 92 21.77 -24.31 24.02
CA GLN C 92 23.17 -24.58 23.69
C GLN C 92 24.05 -23.39 24.07
N PHE C 93 23.53 -22.18 23.92
CA PHE C 93 24.32 -20.98 24.16
C PHE C 93 24.05 -20.35 25.51
N SER C 94 22.97 -20.74 26.19
CA SER C 94 22.68 -20.33 27.56
C SER C 94 22.25 -21.55 28.36
N PRO C 95 23.17 -22.50 28.61
CA PRO C 95 22.76 -23.75 29.28
C PRO C 95 22.51 -23.58 30.77
N ASP C 96 23.08 -22.56 31.41
CA ASP C 96 23.03 -22.43 32.86
C ASP C 96 22.32 -21.17 33.33
N ARG C 97 21.68 -20.42 32.42
CA ARG C 97 21.01 -19.19 32.79
C ARG C 97 19.77 -19.03 31.94
N PRO C 98 18.72 -18.38 32.45
CA PRO C 98 17.57 -18.10 31.60
C PRO C 98 17.93 -17.11 30.51
N PHE C 99 17.18 -17.16 29.40
CA PHE C 99 17.40 -16.25 28.29
C PHE C 99 16.12 -15.48 27.99
N ASP C 100 16.27 -14.38 27.26
CA ASP C 100 15.11 -13.58 26.82
C ASP C 100 14.64 -14.01 25.43
N LEU C 101 13.36 -13.76 25.16
CA LEU C 101 12.75 -14.19 23.91
C LEU C 101 11.95 -13.05 23.32
N VAL C 102 12.16 -12.80 22.03
CA VAL C 102 11.37 -11.84 21.25
C VAL C 102 10.87 -12.58 20.02
N ALA C 103 9.56 -12.51 19.75
CA ALA C 103 9.02 -13.25 18.61
C ALA C 103 7.94 -12.44 17.91
N HIS C 104 7.87 -12.63 16.59
CA HIS C 104 6.99 -11.89 15.69
C HIS C 104 6.18 -12.90 14.87
N ASP C 105 4.86 -12.70 14.82
CA ASP C 105 4.00 -13.46 13.89
C ASP C 105 4.12 -14.94 14.25
N ILE C 106 4.38 -15.84 13.30
CA ILE C 106 4.41 -17.27 13.64
C ILE C 106 5.59 -17.63 14.53
N GLY C 107 6.53 -16.72 14.74
CA GLY C 107 7.52 -16.92 15.80
C GLY C 107 6.87 -17.13 17.16
N ILE C 108 5.71 -16.50 17.39
CA ILE C 108 4.94 -16.74 18.60
C ILE C 108 4.46 -18.18 18.65
N TRP C 109 3.85 -18.64 17.54
CA TRP C 109 3.32 -19.99 17.49
C TRP C 109 4.40 -21.01 17.82
N ASN C 110 5.61 -20.77 17.32
CA ASN C 110 6.71 -21.71 17.41
C ASN C 110 7.53 -21.56 18.67
N THR C 111 7.13 -20.67 19.59
CA THR C 111 7.88 -20.53 20.83
C THR C 111 6.98 -20.68 22.06
N TYR C 112 5.70 -20.31 21.96
CA TYR C 112 4.84 -20.39 23.14
C TYR C 112 4.92 -21.73 23.87
N PRO C 113 4.87 -22.89 23.20
CA PRO C 113 4.94 -24.16 23.97
C PRO C 113 6.21 -24.30 24.78
N MET C 114 7.35 -23.85 24.27
CA MET C 114 8.57 -24.07 25.03
C MET C 114 8.67 -23.07 26.17
N VAL C 115 8.04 -21.90 26.04
CA VAL C 115 7.98 -20.96 27.15
C VAL C 115 7.16 -21.54 28.30
N VAL C 116 5.96 -22.04 28.00
CA VAL C 116 5.09 -22.50 29.08
C VAL C 116 5.62 -23.80 29.69
N LYS C 117 6.33 -24.62 28.91
CA LYS C 117 6.87 -25.87 29.44
C LYS C 117 8.22 -25.70 30.12
N ASN C 118 8.90 -24.57 29.95
CA ASN C 118 10.22 -24.36 30.54
C ASN C 118 10.30 -22.94 31.10
N GLN C 119 9.35 -22.56 31.97
CA GLN C 119 9.25 -21.17 32.37
C GLN C 119 10.52 -20.67 33.05
N ALA C 120 11.22 -21.55 33.78
CA ALA C 120 12.44 -21.13 34.45
C ALA C 120 13.56 -20.77 33.48
N ASP C 121 13.45 -21.17 32.21
CA ASP C 121 14.45 -20.87 31.21
C ASP C 121 14.24 -19.51 30.54
N ILE C 122 13.08 -18.87 30.75
CA ILE C 122 12.71 -17.64 30.04
C ILE C 122 12.71 -16.50 31.04
N ALA C 123 13.68 -15.58 30.91
CA ALA C 123 13.75 -14.45 31.83
C ALA C 123 12.66 -13.42 31.53
N ARG C 124 12.59 -12.96 30.27
CA ARG C 124 11.64 -11.94 29.84
C ARG C 124 11.18 -12.27 28.42
N LEU C 125 9.94 -11.90 28.12
CA LEU C 125 9.26 -12.33 26.89
C LEU C 125 8.64 -11.13 26.20
N VAL C 126 8.83 -11.05 24.88
CA VAL C 126 8.20 -10.01 24.05
C VAL C 126 7.57 -10.69 22.84
N TYR C 127 6.26 -10.51 22.70
CA TYR C 127 5.50 -11.07 21.59
C TYR C 127 4.87 -9.94 20.79
N MET C 128 4.92 -10.04 19.46
CA MET C 128 4.29 -9.01 18.65
C MET C 128 3.59 -9.59 17.42
N GLN C 129 2.38 -9.10 17.16
CA GLN C 129 1.71 -9.21 15.86
C GLN C 129 1.43 -10.67 15.46
N ALA C 130 0.75 -11.39 16.34
CA ALA C 130 0.01 -12.60 15.98
C ALA C 130 -0.73 -13.13 17.18
N PRO C 131 -1.87 -13.77 16.98
CA PRO C 131 -2.49 -14.50 18.09
C PRO C 131 -1.68 -15.73 18.45
N ILE C 132 -1.57 -15.97 19.76
CA ILE C 132 -1.24 -17.32 20.21
C ILE C 132 -2.32 -18.26 19.68
N PRO C 133 -1.97 -19.41 19.09
CA PRO C 133 -3.03 -20.27 18.55
C PRO C 133 -3.98 -20.76 19.64
N ASP C 134 -5.23 -20.33 19.58
CA ASP C 134 -6.28 -20.87 20.44
C ASP C 134 -7.62 -20.62 19.75
N ALA C 135 -8.70 -20.91 20.49
CA ALA C 135 -10.04 -20.82 19.91
C ALA C 135 -10.41 -19.43 19.42
N ARG C 136 -9.70 -18.39 19.88
CA ARG C 136 -9.99 -17.03 19.43
C ARG C 136 -9.78 -16.87 17.93
N ILE C 137 -8.89 -17.65 17.33
CA ILE C 137 -8.62 -17.50 15.90
C ILE C 137 -9.83 -17.87 15.06
N TYR C 138 -10.76 -18.66 15.60
CA TYR C 138 -11.96 -19.01 14.86
C TYR C 138 -13.02 -17.92 14.87
N ARG C 139 -12.77 -16.79 15.55
CA ARG C 139 -13.73 -15.70 15.61
C ARG C 139 -13.37 -14.54 14.68
N PHE C 140 -12.19 -14.56 14.08
CA PHE C 140 -11.84 -13.50 13.15
C PHE C 140 -12.70 -13.62 11.88
N PRO C 141 -13.08 -12.51 11.27
CA PRO C 141 -13.96 -12.57 10.11
C PRO C 141 -13.21 -12.89 8.82
N ALA C 142 -13.92 -13.55 7.90
CA ALA C 142 -13.36 -13.83 6.58
C ALA C 142 -13.32 -12.58 5.70
N PHE C 143 -14.23 -11.64 5.93
CA PHE C 143 -14.41 -10.50 5.04
C PHE C 143 -14.87 -9.30 5.86
N THR C 144 -14.29 -8.12 5.59
CA THR C 144 -14.59 -6.94 6.39
C THR C 144 -15.21 -5.85 5.53
N ALA C 145 -15.97 -4.97 6.20
CA ALA C 145 -16.66 -3.89 5.51
C ALA C 145 -15.68 -2.80 5.09
N GLN C 146 -14.68 -2.55 5.93
CA GLN C 146 -13.61 -1.60 5.68
C GLN C 146 -12.28 -2.32 5.82
N GLY C 147 -11.28 -1.82 5.09
CA GLY C 147 -10.00 -2.48 5.15
C GLY C 147 -10.10 -3.90 4.61
N GLU C 148 -9.26 -4.78 5.17
CA GLU C 148 -9.20 -6.16 4.72
C GLU C 148 -9.08 -7.08 5.92
N SER C 149 -9.73 -8.24 5.82
CA SER C 149 -9.61 -9.27 6.85
C SER C 149 -8.16 -9.62 7.12
N LEU C 150 -7.80 -9.63 8.41
CA LEU C 150 -6.42 -9.87 8.78
C LEU C 150 -5.98 -11.32 8.54
N VAL C 151 -6.88 -12.30 8.70
CA VAL C 151 -6.40 -13.68 8.73
C VAL C 151 -7.13 -14.62 7.77
N TRP C 152 -7.77 -14.08 6.72
CA TRP C 152 -8.29 -14.98 5.70
C TRP C 152 -7.18 -15.86 5.11
N HIS C 153 -5.92 -15.41 5.17
CA HIS C 153 -4.85 -16.22 4.62
C HIS C 153 -4.61 -17.49 5.44
N PHE C 154 -5.07 -17.56 6.70
CA PHE C 154 -5.06 -18.84 7.43
C PHE C 154 -5.70 -19.95 6.60
N SER C 155 -6.88 -19.67 6.03
CA SER C 155 -7.57 -20.71 5.26
C SER C 155 -6.84 -20.99 3.95
N PHE C 156 -6.37 -19.95 3.26
CA PHE C 156 -5.62 -20.11 2.02
C PHE C 156 -4.40 -21.00 2.23
N PHE C 157 -3.61 -20.68 3.25
CA PHE C 157 -2.35 -21.36 3.46
C PHE C 157 -2.55 -22.77 4.02
N ALA C 158 -3.63 -23.00 4.76
CA ALA C 158 -3.90 -24.33 5.33
C ALA C 158 -4.67 -25.24 4.37
N ALA C 159 -5.14 -24.72 3.24
CA ALA C 159 -5.95 -25.53 2.33
C ALA C 159 -5.18 -26.76 1.84
N ASP C 160 -5.91 -27.85 1.62
CA ASP C 160 -5.22 -29.07 1.22
CA ASP C 160 -5.37 -29.12 1.16
C ASP C 160 -4.89 -29.00 -0.28
N ASP C 161 -4.37 -30.11 -0.81
CA ASP C 161 -3.95 -30.21 -2.21
C ASP C 161 -2.82 -29.24 -2.55
N ARG C 162 -2.09 -28.77 -1.54
CA ARG C 162 -1.00 -27.81 -1.76
C ARG C 162 -1.47 -26.62 -2.58
N LEU C 163 -2.70 -26.17 -2.29
CA LEU C 163 -3.30 -25.08 -3.04
C LEU C 163 -2.38 -23.86 -3.13
N ALA C 164 -1.91 -23.35 -1.99
CA ALA C 164 -1.15 -22.10 -1.99
C ALA C 164 0.16 -22.25 -2.74
N GLU C 165 0.90 -23.33 -2.46
CA GLU C 165 2.18 -23.54 -3.16
CA GLU C 165 2.16 -23.59 -3.15
C GLU C 165 1.97 -23.68 -4.66
N THR C 166 0.91 -24.37 -5.07
CA THR C 166 0.70 -24.61 -6.49
C THR C 166 0.38 -23.31 -7.21
N LEU C 167 -0.42 -22.44 -6.58
CA LEU C 167 -0.76 -21.16 -7.19
C LEU C 167 0.41 -20.18 -7.14
N ILE C 168 1.18 -20.19 -6.06
CA ILE C 168 2.19 -19.16 -5.88
C ILE C 168 3.52 -19.51 -6.54
N ALA C 169 3.79 -20.79 -6.81
CA ALA C 169 5.04 -21.18 -7.45
C ALA C 169 5.21 -20.41 -8.77
N GLY C 170 6.38 -19.82 -8.95
CA GLY C 170 6.65 -19.00 -10.10
C GLY C 170 6.17 -17.56 -9.99
N LYS C 171 5.40 -17.25 -8.96
CA LYS C 171 4.88 -15.90 -8.71
C LYS C 171 5.24 -15.43 -7.30
N GLU C 172 6.34 -15.95 -6.75
CA GLU C 172 6.64 -15.71 -5.35
C GLU C 172 6.92 -14.24 -5.08
N ARG C 173 7.65 -13.58 -5.98
CA ARG C 173 8.03 -12.19 -5.77
C ARG C 173 6.81 -11.28 -5.82
N PHE C 174 5.93 -11.52 -6.79
CA PHE C 174 4.64 -10.83 -6.82
C PHE C 174 3.84 -11.05 -5.55
N PHE C 175 3.68 -12.31 -5.14
CA PHE C 175 2.82 -12.56 -4.00
C PHE C 175 3.37 -11.92 -2.74
N LEU C 176 4.69 -12.00 -2.53
CA LEU C 176 5.24 -11.48 -1.28
CA LEU C 176 5.29 -11.47 -1.31
C LEU C 176 5.10 -9.96 -1.21
N GLU C 177 5.29 -9.26 -2.33
CA GLU C 177 5.09 -7.81 -2.28
C GLU C 177 3.63 -7.50 -1.93
N HIS C 178 2.70 -8.27 -2.48
CA HIS C 178 1.29 -8.01 -2.15
C HIS C 178 0.99 -8.29 -0.68
N PHE C 179 1.40 -9.45 -0.17
CA PHE C 179 1.05 -9.82 1.20
CA PHE C 179 0.96 -9.74 1.19
C PHE C 179 1.69 -8.88 2.20
N ILE C 180 2.95 -8.52 1.96
CA ILE C 180 3.62 -7.61 2.90
C ILE C 180 2.93 -6.25 2.89
N LYS C 181 2.76 -5.67 1.70
CA LYS C 181 2.21 -4.32 1.67
C LYS C 181 0.74 -4.28 2.10
N SER C 182 -0.03 -5.32 1.81
CA SER C 182 -1.44 -5.30 2.23
C SER C 182 -1.58 -5.41 3.73
N HIS C 183 -0.53 -5.87 4.43
CA HIS C 183 -0.53 -5.92 5.89
C HIS C 183 0.27 -4.78 6.51
N ALA C 184 0.56 -3.72 5.75
CA ALA C 184 1.41 -2.66 6.25
C ALA C 184 0.65 -1.35 6.29
N SER C 185 1.06 -0.49 7.22
CA SER C 185 0.65 0.91 7.22
C SER C 185 1.69 1.77 6.52
N ASN C 186 2.96 1.60 6.88
CA ASN C 186 4.05 2.37 6.29
C ASN C 186 4.67 1.53 5.18
N THR C 187 3.98 1.48 4.04
CA THR C 187 4.42 0.60 2.96
C THR C 187 5.74 1.03 2.35
N GLU C 188 6.11 2.31 2.48
CA GLU C 188 7.26 2.83 1.74
C GLU C 188 8.58 2.20 2.18
N VAL C 189 8.63 1.55 3.34
CA VAL C 189 9.89 0.95 3.77
C VAL C 189 10.19 -0.35 3.02
N PHE C 190 9.23 -0.90 2.29
CA PHE C 190 9.47 -2.12 1.54
C PHE C 190 9.87 -1.76 0.11
N SER C 191 11.12 -1.33 -0.02
CA SER C 191 11.73 -1.07 -1.32
C SER C 191 11.73 -2.35 -2.17
N GLU C 192 11.80 -2.14 -3.49
CA GLU C 192 11.91 -3.29 -4.39
C GLU C 192 13.14 -4.11 -4.05
N ARG C 193 14.23 -3.45 -3.64
CA ARG C 193 15.45 -4.15 -3.28
C ARG C 193 15.24 -5.07 -2.07
N LEU C 194 14.58 -4.56 -1.03
CA LEU C 194 14.32 -5.39 0.16
C LEU C 194 13.37 -6.54 -0.18
N LEU C 195 12.34 -6.27 -0.96
CA LEU C 195 11.40 -7.33 -1.35
C LEU C 195 12.10 -8.40 -2.18
N ASP C 196 13.00 -7.99 -3.06
CA ASP C 196 13.82 -8.95 -3.80
C ASP C 196 14.54 -9.91 -2.87
N LEU C 197 15.15 -9.39 -1.79
CA LEU C 197 15.87 -10.25 -0.86
C LEU C 197 14.95 -11.27 -0.20
N TYR C 198 13.83 -10.79 0.33
CA TYR C 198 12.90 -11.70 0.99
C TYR C 198 12.32 -12.72 0.01
N ALA C 199 12.00 -12.27 -1.22
CA ALA C 199 11.37 -13.19 -2.16
C ALA C 199 12.33 -14.30 -2.58
N ARG C 200 13.62 -13.97 -2.78
CA ARG C 200 14.59 -14.97 -3.18
C ARG C 200 14.69 -16.08 -2.15
N SER C 201 14.56 -15.73 -0.87
CA SER C 201 14.69 -16.74 0.17
C SER C 201 13.47 -17.64 0.20
N TYR C 202 12.28 -17.05 0.22
CA TYR C 202 11.12 -17.91 0.41
C TYR C 202 10.66 -18.58 -0.88
N ALA C 203 11.24 -18.21 -2.02
CA ALA C 203 10.99 -18.90 -3.28
C ALA C 203 11.74 -20.22 -3.42
N LYS C 204 12.70 -20.50 -2.54
CA LYS C 204 13.29 -21.84 -2.54
C LYS C 204 12.16 -22.84 -2.38
N PRO C 205 12.03 -23.84 -3.25
CA PRO C 205 10.86 -24.73 -3.19
C PRO C 205 10.57 -25.30 -1.82
N HIS C 206 11.58 -25.77 -1.08
CA HIS C 206 11.30 -26.32 0.25
C HIS C 206 10.90 -25.24 1.24
N SER C 207 11.34 -23.99 1.04
CA SER C 207 10.91 -22.91 1.93
C SER C 207 9.49 -22.45 1.63
N LEU C 208 9.11 -22.40 0.35
CA LEU C 208 7.73 -22.08 0.02
C LEU C 208 6.78 -23.09 0.64
N ASN C 209 7.11 -24.37 0.52
CA ASN C 209 6.28 -25.41 1.14
C ASN C 209 6.29 -25.31 2.65
N ALA C 210 7.48 -25.18 3.25
CA ALA C 210 7.58 -25.01 4.71
C ALA C 210 6.72 -23.85 5.21
N SER C 211 6.73 -22.73 4.48
CA SER C 211 5.95 -21.56 4.88
C SER C 211 4.50 -21.92 5.18
N PHE C 212 3.89 -22.71 4.31
CA PHE C 212 2.49 -23.03 4.49
C PHE C 212 2.25 -24.21 5.41
N GLU C 213 3.27 -25.05 5.63
CA GLU C 213 3.10 -26.16 6.56
C GLU C 213 2.83 -25.66 7.97
N TYR C 214 3.39 -24.49 8.33
CA TYR C 214 3.07 -23.90 9.63
C TYR C 214 1.57 -23.64 9.77
N TYR C 215 0.91 -23.22 8.69
CA TYR C 215 -0.52 -22.99 8.75
C TYR C 215 -1.31 -24.29 8.68
N ARG C 216 -0.82 -25.27 7.92
CA ARG C 216 -1.45 -26.58 7.90
C ARG C 216 -1.42 -27.26 9.26
N ALA C 217 -0.48 -26.87 10.13
CA ALA C 217 -0.40 -27.41 11.48
C ALA C 217 -1.09 -26.52 12.52
N LEU C 218 -1.69 -25.40 12.09
CA LEU C 218 -2.21 -24.43 13.07
C LEU C 218 -3.31 -25.05 13.95
N ASN C 219 -4.22 -25.83 13.38
CA ASN C 219 -5.26 -26.41 14.21
C ASN C 219 -4.68 -27.40 15.20
N GLU C 220 -3.65 -28.14 14.80
CA GLU C 220 -2.97 -29.00 15.76
C GLU C 220 -2.35 -28.15 16.88
N SER C 221 -1.75 -27.01 16.52
CA SER C 221 -1.18 -26.13 17.52
C SER C 221 -2.25 -25.61 18.47
N VAL C 222 -3.43 -25.28 17.95
CA VAL C 222 -4.54 -24.87 18.82
C VAL C 222 -4.84 -25.96 19.82
N ARG C 223 -4.93 -27.21 19.35
CA ARG C 223 -5.28 -28.31 20.25
C ARG C 223 -4.20 -28.52 21.29
N GLN C 224 -2.93 -28.39 20.91
CA GLN C 224 -1.83 -28.49 21.86
C GLN C 224 -1.93 -27.41 22.93
N ASN C 225 -2.18 -26.17 22.52
CA ASN C 225 -2.17 -25.06 23.45
C ASN C 225 -3.36 -25.09 24.39
N ALA C 226 -4.44 -25.77 24.02
CA ALA C 226 -5.56 -25.89 24.94
C ALA C 226 -5.16 -26.63 26.21
N GLU C 227 -4.23 -27.57 26.09
CA GLU C 227 -3.69 -28.25 27.26
C GLU C 227 -2.64 -27.40 27.97
N LEU C 228 -1.72 -26.81 27.20
CA LEU C 228 -0.62 -26.08 27.82
C LEU C 228 -1.12 -24.84 28.58
N ALA C 229 -2.16 -24.18 28.07
CA ALA C 229 -2.58 -22.90 28.65
C ALA C 229 -3.22 -23.05 30.03
N LYS C 230 -3.39 -24.27 30.53
CA LYS C 230 -3.86 -24.45 31.90
C LYS C 230 -2.88 -23.91 32.93
N THR C 231 -1.65 -23.58 32.54
CA THR C 231 -0.69 -22.93 33.41
C THR C 231 -0.36 -21.56 32.82
N ARG C 232 -0.58 -20.49 33.59
CA ARG C 232 -0.28 -19.16 33.10
C ARG C 232 1.22 -18.88 33.18
N LEU C 233 1.68 -17.98 32.32
CA LEU C 233 3.08 -17.57 32.28
C LEU C 233 3.37 -16.60 33.42
N GLN C 234 4.53 -16.79 34.06
CA GLN C 234 4.87 -16.08 35.27
C GLN C 234 5.96 -15.03 35.09
N MET C 235 6.63 -15.00 33.95
CA MET C 235 7.73 -14.07 33.79
C MET C 235 7.22 -12.77 33.20
N PRO C 236 7.97 -11.68 33.35
CA PRO C 236 7.55 -10.40 32.75
C PRO C 236 7.40 -10.53 31.25
N THR C 237 6.27 -10.03 30.74
CA THR C 237 5.92 -10.13 29.33
CA THR C 237 5.99 -10.10 29.32
C THR C 237 5.52 -8.75 28.81
N MET C 238 5.84 -8.49 27.55
CA MET C 238 5.41 -7.28 26.86
C MET C 238 4.84 -7.69 25.50
N THR C 239 3.70 -7.11 25.13
CA THR C 239 3.15 -7.31 23.79
C THR C 239 3.25 -6.01 23.02
N LEU C 240 3.56 -6.13 21.73
CA LEU C 240 3.49 -5.00 20.80
C LEU C 240 2.55 -5.33 19.67
N ALA C 241 1.84 -4.31 19.20
CA ALA C 241 0.93 -4.45 18.07
C ALA C 241 0.90 -3.13 17.31
N GLY C 242 0.69 -3.21 16.00
CA GLY C 242 0.42 -2.02 15.23
C GLY C 242 -1.01 -1.55 15.43
N GLY C 243 -1.19 -0.23 15.37
CA GLY C 243 -2.51 0.38 15.41
C GLY C 243 -3.01 0.78 14.04
N GLY C 244 -2.13 0.69 13.04
CA GLY C 244 -2.48 1.05 11.68
C GLY C 244 -2.96 -0.14 10.88
N HIS C 245 -3.07 0.08 9.57
CA HIS C 245 -3.51 -0.95 8.65
C HIS C 245 -2.65 -2.20 8.77
N GLY C 246 -3.31 -3.35 9.01
CA GLY C 246 -2.62 -4.59 9.23
C GLY C 246 -2.24 -4.87 10.67
N GLY C 247 -2.47 -3.93 11.58
CA GLY C 247 -2.12 -4.15 12.96
C GLY C 247 -3.18 -4.94 13.71
N MET C 248 -2.73 -5.65 14.75
CA MET C 248 -3.66 -6.38 15.62
C MET C 248 -4.38 -5.49 16.62
N GLY C 249 -3.92 -4.26 16.81
CA GLY C 249 -4.61 -3.37 17.73
C GLY C 249 -4.64 -3.94 19.13
N THR C 250 -5.77 -3.77 19.79
CA THR C 250 -5.85 -4.16 21.20
C THR C 250 -5.92 -5.66 21.40
N PHE C 251 -6.11 -6.44 20.32
CA PHE C 251 -6.25 -7.89 20.48
C PHE C 251 -5.02 -8.51 21.12
N GLN C 252 -3.83 -8.00 20.75
CA GLN C 252 -2.60 -8.63 21.17
C GLN C 252 -2.50 -8.67 22.70
N LEU C 253 -2.67 -7.52 23.34
CA LEU C 253 -2.61 -7.46 24.80
C LEU C 253 -3.81 -8.18 25.43
N GLU C 254 -5.00 -8.01 24.88
CA GLU C 254 -6.17 -8.60 25.52
C GLU C 254 -6.07 -10.12 25.57
N GLN C 255 -5.60 -10.75 24.48
CA GLN C 255 -5.38 -12.19 24.51
C GLN C 255 -4.27 -12.56 25.49
N MET C 256 -3.18 -11.80 25.49
CA MET C 256 -2.06 -12.15 26.36
C MET C 256 -2.44 -12.09 27.84
N LYS C 257 -3.41 -11.23 28.21
CA LYS C 257 -3.82 -11.19 29.61
C LYS C 257 -4.41 -12.51 30.06
N ALA C 258 -4.96 -13.30 29.14
CA ALA C 258 -5.43 -14.63 29.50
C ALA C 258 -4.28 -15.61 29.69
N TYR C 259 -3.08 -15.27 29.21
CA TYR C 259 -1.96 -16.19 29.27
C TYR C 259 -0.90 -15.83 30.29
N ALA C 260 -0.81 -14.55 30.69
CA ALA C 260 0.33 -14.07 31.46
C ALA C 260 -0.13 -13.32 32.70
N GLU C 261 0.55 -13.56 33.82
CA GLU C 261 0.26 -12.81 35.05
C GLU C 261 0.82 -11.40 35.02
N ASP C 262 1.93 -11.20 34.32
CA ASP C 262 2.72 -9.97 34.37
C ASP C 262 2.88 -9.50 32.92
N VAL C 263 1.99 -8.64 32.43
CA VAL C 263 2.04 -8.25 31.02
C VAL C 263 1.72 -6.77 30.88
N GLU C 264 2.51 -6.08 30.05
CA GLU C 264 2.21 -4.74 29.58
C GLU C 264 2.14 -4.77 28.06
N GLY C 265 1.30 -3.91 27.50
CA GLY C 265 1.08 -3.90 26.06
C GLY C 265 1.17 -2.51 25.50
N HIS C 266 1.58 -2.45 24.24
CA HIS C 266 1.65 -1.19 23.50
C HIS C 266 1.07 -1.39 22.12
N VAL C 267 0.29 -0.42 21.68
CA VAL C 267 -0.20 -0.33 20.32
C VAL C 267 0.53 0.87 19.69
N LEU C 268 1.23 0.62 18.57
CA LEU C 268 2.05 1.65 17.94
C LEU C 268 1.27 2.30 16.83
N PRO C 269 0.89 3.58 16.96
CA PRO C 269 0.07 4.23 15.92
C PRO C 269 0.81 4.36 14.60
N GLY C 270 0.04 4.26 13.51
CA GLY C 270 0.62 4.44 12.20
C GLY C 270 1.52 3.32 11.75
N CYS C 271 1.42 2.17 12.40
CA CYS C 271 2.27 1.01 12.15
C CYS C 271 1.37 -0.19 11.92
N GLY C 272 1.70 -1.00 10.91
CA GLY C 272 0.94 -2.20 10.64
C GLY C 272 1.53 -3.47 11.23
N HIS C 273 1.67 -4.49 10.38
CA HIS C 273 2.17 -5.78 10.85
C HIS C 273 3.67 -5.82 11.06
N TRP C 274 4.45 -5.10 10.24
CA TRP C 274 5.88 -5.34 10.13
C TRP C 274 6.62 -4.32 10.99
N LEU C 275 6.43 -4.45 12.31
CA LEU C 275 6.89 -3.40 13.22
C LEU C 275 8.39 -3.13 13.12
N PRO C 276 9.28 -4.14 13.03
CA PRO C 276 10.72 -3.82 13.01
C PRO C 276 11.12 -2.94 11.83
N GLU C 277 10.40 -3.02 10.71
CA GLU C 277 10.72 -2.25 9.52
C GLU C 277 9.87 -1.00 9.36
N GLU C 278 8.57 -1.10 9.66
CA GLU C 278 7.69 0.06 9.51
C GLU C 278 7.93 1.09 10.60
N CYS C 279 8.29 0.64 11.80
CA CYS C 279 8.37 1.53 12.94
C CYS C 279 9.59 1.17 13.81
N ALA C 280 10.78 1.19 13.17
CA ALA C 280 12.00 0.72 13.83
C ALA C 280 12.32 1.52 15.09
N ALA C 281 12.26 2.85 15.01
CA ALA C 281 12.68 3.64 16.17
C ALA C 281 11.82 3.37 17.41
N PRO C 282 10.49 3.49 17.38
CA PRO C 282 9.74 3.23 18.61
C PRO C 282 9.73 1.76 18.99
N MET C 283 9.72 0.83 18.03
CA MET C 283 9.71 -0.58 18.40
C MET C 283 11.02 -0.97 19.06
N ASN C 284 12.15 -0.56 18.47
CA ASN C 284 13.44 -0.91 19.05
C ASN C 284 13.58 -0.36 20.46
N ARG C 285 13.14 0.89 20.66
CA ARG C 285 13.22 1.52 21.97
C ARG C 285 12.42 0.73 22.99
N LEU C 286 11.19 0.34 22.63
CA LEU C 286 10.35 -0.40 23.57
C LEU C 286 11.00 -1.72 23.95
N VAL C 287 11.57 -2.42 22.97
CA VAL C 287 12.18 -3.73 23.26
C VAL C 287 13.43 -3.56 24.10
N ILE C 288 14.29 -2.61 23.73
CA ILE C 288 15.54 -2.43 24.46
C ILE C 288 15.26 -2.03 25.90
N ASP C 289 14.35 -1.08 26.10
CA ASP C 289 13.99 -0.65 27.46
C ASP C 289 13.43 -1.81 28.27
N PHE C 290 12.52 -2.59 27.68
CA PHE C 290 11.86 -3.64 28.45
C PHE C 290 12.84 -4.75 28.85
N LEU C 291 13.73 -5.15 27.93
CA LEU C 291 14.71 -6.17 28.29
C LEU C 291 15.78 -5.63 29.22
N SER C 292 16.06 -4.33 29.16
CA SER C 292 17.10 -3.77 30.03
C SER C 292 16.63 -3.59 31.46
N ARG C 293 15.35 -3.82 31.76
CA ARG C 293 14.94 -3.85 33.16
C ARG C 293 15.63 -4.99 33.91
N GLY C 294 15.96 -6.07 33.21
CA GLY C 294 16.67 -7.19 33.81
C GLY C 294 18.18 -7.07 33.69
N ARG C 295 18.86 -8.12 34.12
CA ARG C 295 20.31 -8.14 34.09
C ARG C 295 20.82 -8.09 32.64
N HIS C 296 21.77 -7.19 32.39
CA HIS C 296 22.37 -7.08 31.07
C HIS C 296 23.79 -6.54 31.22
N HIS C 297 24.52 -6.58 30.11
CA HIS C 297 25.90 -6.11 30.05
C HIS C 297 25.99 -4.60 29.76
N ALA D 1 -19.00 -21.74 -32.52
CA ALA D 1 -18.74 -22.74 -31.50
C ALA D 1 -19.44 -22.37 -30.19
N GLU D 2 -19.68 -23.37 -29.35
CA GLU D 2 -20.29 -23.19 -28.04
C GLU D 2 -19.34 -23.73 -26.97
N GLU D 3 -19.28 -23.03 -25.83
CA GLU D 3 -18.48 -23.51 -24.72
C GLU D 3 -19.08 -24.73 -24.06
N PHE D 4 -20.41 -24.89 -24.13
CA PHE D 4 -21.12 -25.97 -23.48
C PHE D 4 -22.20 -26.51 -24.42
N PRO D 5 -22.50 -27.80 -24.35
CA PRO D 5 -23.49 -28.37 -25.28
C PRO D 5 -24.91 -27.89 -24.97
N VAL D 6 -25.61 -27.45 -26.01
CA VAL D 6 -26.96 -26.93 -25.87
C VAL D 6 -27.94 -28.10 -25.88
N PRO D 7 -28.88 -28.17 -24.93
CA PRO D 7 -29.88 -29.25 -24.95
C PRO D 7 -30.76 -29.18 -26.20
N ASN D 8 -31.26 -30.35 -26.61
CA ASN D 8 -32.15 -30.42 -27.76
CA ASN D 8 -32.15 -30.43 -27.76
C ASN D 8 -33.40 -29.59 -27.51
N GLY D 9 -33.83 -28.88 -28.55
CA GLY D 9 -34.97 -27.99 -28.43
C GLY D 9 -34.65 -26.61 -27.89
N PHE D 10 -33.40 -26.35 -27.49
CA PHE D 10 -33.00 -25.03 -27.02
C PHE D 10 -32.16 -24.34 -28.07
N GLU D 11 -32.12 -23.01 -27.98
CA GLU D 11 -31.27 -22.20 -28.86
C GLU D 11 -30.28 -21.39 -28.03
N SER D 12 -29.08 -21.26 -28.57
CA SER D 12 -28.06 -20.36 -28.07
C SER D 12 -28.11 -19.09 -28.90
N ALA D 13 -28.23 -17.94 -28.22
CA ALA D 13 -28.44 -16.68 -28.93
C ALA D 13 -27.87 -15.54 -28.10
N TYR D 14 -28.00 -14.32 -28.65
CA TYR D 14 -27.41 -13.13 -28.04
C TYR D 14 -28.39 -11.96 -28.19
N ARG D 15 -28.38 -11.09 -27.19
CA ARG D 15 -29.13 -9.83 -27.27
C ARG D 15 -28.27 -8.70 -26.73
N GLU D 16 -28.34 -7.54 -27.38
CA GLU D 16 -27.75 -6.33 -26.82
C GLU D 16 -28.67 -5.77 -25.75
N VAL D 17 -28.11 -5.47 -24.59
CA VAL D 17 -28.80 -4.80 -23.50
C VAL D 17 -27.92 -3.65 -23.03
N ASP D 18 -28.39 -2.42 -23.20
CA ASP D 18 -27.62 -1.25 -22.81
C ASP D 18 -26.19 -1.34 -23.36
N GLY D 19 -26.07 -1.76 -24.62
CA GLY D 19 -24.78 -1.80 -25.28
C GLY D 19 -23.88 -2.96 -24.94
N VAL D 20 -24.37 -3.95 -24.20
CA VAL D 20 -23.59 -5.09 -23.77
C VAL D 20 -24.23 -6.33 -24.39
N LYS D 21 -23.41 -7.14 -25.04
CA LYS D 21 -23.91 -8.30 -25.77
C LYS D 21 -23.98 -9.48 -24.81
N LEU D 22 -25.19 -9.88 -24.46
CA LEU D 22 -25.41 -10.96 -23.51
C LEU D 22 -25.70 -12.27 -24.25
N HIS D 23 -25.07 -13.34 -23.81
CA HIS D 23 -25.37 -14.68 -24.31
C HIS D 23 -26.42 -15.33 -23.43
N TYR D 24 -27.28 -16.14 -24.05
CA TYR D 24 -28.24 -16.94 -23.27
C TYR D 24 -28.62 -18.18 -24.05
N VAL D 25 -29.19 -19.14 -23.33
CA VAL D 25 -29.78 -20.32 -23.95
C VAL D 25 -31.26 -20.33 -23.58
N LYS D 26 -32.11 -20.53 -24.59
CA LYS D 26 -33.55 -20.32 -24.43
C LYS D 26 -34.35 -21.47 -25.04
N GLY D 27 -35.40 -21.89 -24.34
CA GLY D 27 -36.27 -22.91 -24.88
C GLY D 27 -37.59 -22.95 -24.14
N GLY D 28 -38.55 -23.66 -24.73
CA GLY D 28 -39.84 -23.88 -24.10
C GLY D 28 -40.90 -22.89 -24.53
N GLN D 29 -42.07 -23.03 -23.91
CA GLN D 29 -43.22 -22.18 -24.17
C GLN D 29 -43.97 -21.94 -22.86
N GLY D 30 -44.61 -20.78 -22.77
CA GLY D 30 -45.34 -20.41 -21.57
C GLY D 30 -44.70 -19.23 -20.89
N PRO D 31 -45.12 -18.94 -19.66
CA PRO D 31 -44.52 -17.82 -18.92
C PRO D 31 -43.02 -18.00 -18.77
N LEU D 32 -42.33 -16.89 -18.63
CA LEU D 32 -40.87 -16.90 -18.64
C LEU D 32 -40.30 -17.21 -17.27
N VAL D 33 -39.26 -18.05 -17.24
CA VAL D 33 -38.44 -18.23 -16.05
CA VAL D 33 -38.43 -18.27 -16.05
C VAL D 33 -37.00 -17.96 -16.44
N MET D 34 -36.36 -17.05 -15.72
CA MET D 34 -34.95 -16.76 -15.94
C MET D 34 -34.14 -17.48 -14.86
N LEU D 35 -33.12 -18.22 -15.29
CA LEU D 35 -32.22 -18.95 -14.41
C LEU D 35 -30.85 -18.29 -14.47
N VAL D 36 -30.31 -17.91 -13.31
CA VAL D 36 -29.08 -17.11 -13.24
C VAL D 36 -28.02 -17.86 -12.43
N HIS D 37 -26.94 -18.23 -13.09
CA HIS D 37 -25.82 -19.00 -12.53
C HIS D 37 -24.95 -18.12 -11.63
N GLY D 38 -23.95 -18.76 -11.00
CA GLY D 38 -23.03 -18.07 -10.13
C GLY D 38 -21.56 -18.28 -10.47
N PHE D 39 -20.70 -18.08 -9.48
CA PHE D 39 -19.26 -18.10 -9.72
C PHE D 39 -18.76 -19.48 -10.11
N GLY D 40 -17.79 -19.50 -11.02
CA GLY D 40 -17.18 -20.74 -11.49
C GLY D 40 -17.97 -21.48 -12.52
N GLN D 41 -19.15 -20.98 -12.90
CA GLN D 41 -20.06 -21.71 -13.76
C GLN D 41 -20.61 -20.75 -14.79
N THR D 42 -21.58 -21.23 -15.55
CA THR D 42 -22.21 -20.52 -16.63
C THR D 42 -23.67 -20.94 -16.68
N TRP D 43 -24.37 -20.55 -17.74
CA TRP D 43 -25.73 -21.04 -17.98
C TRP D 43 -25.81 -22.57 -17.86
N TYR D 44 -24.72 -23.26 -18.19
CA TYR D 44 -24.75 -24.71 -18.28
C TYR D 44 -25.06 -25.38 -16.95
N GLU D 45 -24.86 -24.71 -15.81
CA GLU D 45 -25.21 -25.38 -14.57
C GLU D 45 -26.70 -25.71 -14.53
N TRP D 46 -27.52 -25.04 -15.34
CA TRP D 46 -28.94 -25.30 -15.39
C TRP D 46 -29.34 -26.32 -16.44
N HIS D 47 -28.39 -26.99 -17.10
CA HIS D 47 -28.75 -27.75 -18.30
C HIS D 47 -29.59 -28.99 -18.00
N GLN D 48 -29.56 -29.49 -16.76
CA GLN D 48 -30.42 -30.61 -16.39
C GLN D 48 -31.83 -30.14 -16.05
N LEU D 49 -31.95 -28.97 -15.42
CA LEU D 49 -33.26 -28.44 -15.06
C LEU D 49 -34.01 -27.93 -16.28
N MET D 50 -33.28 -27.36 -17.25
CA MET D 50 -33.91 -26.64 -18.36
C MET D 50 -34.89 -27.49 -19.17
N PRO D 51 -34.57 -28.71 -19.60
CA PRO D 51 -35.54 -29.47 -20.42
C PRO D 51 -36.82 -29.82 -19.67
N GLU D 52 -36.71 -30.12 -18.36
CA GLU D 52 -37.91 -30.44 -17.59
C GLU D 52 -38.76 -29.19 -17.37
N LEU D 53 -38.13 -28.07 -17.07
CA LEU D 53 -38.85 -26.83 -16.84
C LEU D 53 -39.49 -26.33 -18.12
N ALA D 54 -38.86 -26.57 -19.27
CA ALA D 54 -39.39 -26.08 -20.54
C ALA D 54 -40.65 -26.80 -20.98
N LYS D 55 -41.06 -27.86 -20.27
CA LYS D 55 -42.35 -28.47 -20.56
C LYS D 55 -43.52 -27.58 -20.16
N ARG D 56 -43.30 -26.64 -19.23
CA ARG D 56 -44.36 -25.77 -18.74
C ARG D 56 -44.04 -24.29 -18.83
N PHE D 57 -42.79 -23.92 -19.13
CA PHE D 57 -42.38 -22.52 -19.13
C PHE D 57 -41.47 -22.24 -20.32
N THR D 58 -41.41 -20.97 -20.72
CA THR D 58 -40.30 -20.50 -21.52
C THR D 58 -39.12 -20.28 -20.58
N VAL D 59 -37.99 -20.90 -20.89
CA VAL D 59 -36.84 -20.89 -19.99
C VAL D 59 -35.69 -20.14 -20.67
N ILE D 60 -35.12 -19.17 -19.97
CA ILE D 60 -33.93 -18.48 -20.45
C ILE D 60 -32.83 -18.53 -19.40
N ALA D 61 -31.63 -18.89 -19.82
CA ALA D 61 -30.48 -18.99 -18.93
C ALA D 61 -29.36 -18.14 -19.51
N PRO D 62 -29.16 -16.92 -19.02
CA PRO D 62 -28.08 -16.09 -19.54
C PRO D 62 -26.75 -16.38 -18.87
N ASP D 63 -25.67 -16.01 -19.57
CA ASP D 63 -24.36 -15.92 -18.94
C ASP D 63 -24.24 -14.54 -18.31
N LEU D 64 -23.78 -14.50 -17.06
CA LEU D 64 -23.54 -13.24 -16.38
C LEU D 64 -22.55 -12.40 -17.19
N PRO D 65 -22.71 -11.08 -17.16
CA PRO D 65 -21.76 -10.20 -17.87
C PRO D 65 -20.31 -10.57 -17.60
N GLY D 66 -19.55 -10.75 -18.67
CA GLY D 66 -18.15 -11.08 -18.60
C GLY D 66 -17.85 -12.55 -18.45
N LEU D 67 -18.83 -13.35 -18.06
CA LEU D 67 -18.68 -14.79 -17.88
C LEU D 67 -19.34 -15.54 -19.04
N GLY D 68 -19.01 -16.83 -19.15
CA GLY D 68 -19.44 -17.60 -20.31
C GLY D 68 -19.14 -16.85 -21.58
N GLN D 69 -20.18 -16.68 -22.41
CA GLN D 69 -20.03 -15.98 -23.69
C GLN D 69 -20.64 -14.58 -23.67
N SER D 70 -20.87 -14.01 -22.49
CA SER D 70 -21.39 -12.65 -22.37
C SER D 70 -20.28 -11.62 -22.28
N GLU D 71 -20.50 -10.48 -22.93
CA GLU D 71 -19.57 -9.36 -22.86
C GLU D 71 -19.54 -8.77 -21.45
N PRO D 72 -18.39 -8.25 -21.00
CA PRO D 72 -18.35 -7.62 -19.67
C PRO D 72 -19.29 -6.42 -19.60
N PRO D 73 -19.75 -6.07 -18.40
CA PRO D 73 -20.63 -4.91 -18.27
C PRO D 73 -19.88 -3.62 -18.60
N LYS D 74 -20.64 -2.62 -19.04
CA LYS D 74 -20.05 -1.32 -19.33
C LYS D 74 -20.23 -0.32 -18.20
N THR D 75 -21.08 -0.63 -17.24
CA THR D 75 -21.28 0.22 -16.05
C THR D 75 -20.37 -0.27 -14.93
N GLY D 76 -20.64 -1.45 -14.40
CA GLY D 76 -19.81 -1.96 -13.31
C GLY D 76 -20.37 -3.29 -12.87
N TYR D 77 -19.74 -3.87 -11.83
CA TYR D 77 -20.07 -5.21 -11.37
C TYR D 77 -20.82 -5.25 -10.04
N SER D 78 -21.23 -4.09 -9.52
CA SER D 78 -22.03 -4.09 -8.32
C SER D 78 -23.42 -4.65 -8.61
N GLY D 79 -24.07 -5.13 -7.57
CA GLY D 79 -25.35 -5.80 -7.77
C GLY D 79 -26.35 -4.95 -8.51
N GLU D 80 -26.43 -3.66 -8.16
CA GLU D 80 -27.43 -2.79 -8.76
C GLU D 80 -27.15 -2.56 -10.25
N GLN D 81 -25.87 -2.47 -10.62
CA GLN D 81 -25.52 -2.27 -12.03
C GLN D 81 -25.77 -3.53 -12.84
N VAL D 82 -25.39 -4.69 -12.32
CA VAL D 82 -25.56 -5.90 -13.10
C VAL D 82 -27.03 -6.25 -13.21
N ALA D 83 -27.79 -5.97 -12.15
CA ALA D 83 -29.20 -6.32 -12.14
C ALA D 83 -29.95 -5.61 -13.27
N VAL D 84 -29.51 -4.41 -13.65
CA VAL D 84 -30.15 -3.71 -14.77
C VAL D 84 -30.09 -4.55 -16.04
N TYR D 85 -28.92 -5.13 -16.33
CA TYR D 85 -28.79 -5.92 -17.55
C TYR D 85 -29.72 -7.12 -17.52
N LEU D 86 -29.76 -7.82 -16.39
CA LEU D 86 -30.57 -9.02 -16.31
C LEU D 86 -32.06 -8.68 -16.35
N HIS D 87 -32.46 -7.61 -15.68
CA HIS D 87 -33.87 -7.20 -15.73
C HIS D 87 -34.29 -6.86 -17.15
N LYS D 88 -33.50 -6.02 -17.84
CA LYS D 88 -33.89 -5.63 -19.19
C LYS D 88 -33.86 -6.80 -20.15
N LEU D 89 -32.92 -7.74 -19.99
CA LEU D 89 -32.94 -8.92 -20.83
C LEU D 89 -34.24 -9.70 -20.65
N ALA D 90 -34.63 -9.93 -19.39
CA ALA D 90 -35.87 -10.66 -19.14
C ALA D 90 -37.06 -9.94 -19.73
N ARG D 91 -37.09 -8.61 -19.63
CA ARG D 91 -38.21 -7.83 -20.13
C ARG D 91 -38.29 -7.83 -21.65
N GLN D 92 -37.17 -8.07 -22.35
CA GLN D 92 -37.27 -8.24 -23.80
C GLN D 92 -38.09 -9.45 -24.17
N PHE D 93 -38.06 -10.48 -23.33
CA PHE D 93 -38.78 -11.71 -23.63
C PHE D 93 -40.11 -11.83 -22.91
N SER D 94 -40.30 -11.09 -21.83
CA SER D 94 -41.55 -11.10 -21.07
C SER D 94 -42.01 -9.67 -20.80
N PRO D 95 -42.29 -8.89 -21.85
CA PRO D 95 -42.70 -7.49 -21.65
C PRO D 95 -44.09 -7.32 -21.05
N ASP D 96 -45.00 -8.28 -21.24
CA ASP D 96 -46.40 -8.12 -20.86
C ASP D 96 -46.84 -8.97 -19.67
N ARG D 97 -45.94 -9.74 -19.06
CA ARG D 97 -46.28 -10.60 -17.93
C ARG D 97 -45.13 -10.55 -16.92
N PRO D 98 -45.41 -10.74 -15.64
CA PRO D 98 -44.32 -10.99 -14.69
C PRO D 98 -43.63 -12.31 -15.01
N PHE D 99 -42.34 -12.37 -14.70
CA PHE D 99 -41.55 -13.56 -14.94
C PHE D 99 -41.04 -14.13 -13.61
N ASP D 100 -40.68 -15.42 -13.64
CA ASP D 100 -40.06 -16.07 -12.49
C ASP D 100 -38.54 -15.95 -12.55
N LEU D 101 -37.93 -16.00 -11.37
CA LEU D 101 -36.49 -15.82 -11.25
C LEU D 101 -35.93 -16.88 -10.34
N VAL D 102 -34.95 -17.64 -10.83
CA VAL D 102 -34.22 -18.63 -10.05
C VAL D 102 -32.75 -18.24 -10.11
N ALA D 103 -32.11 -18.11 -8.95
CA ALA D 103 -30.70 -17.74 -8.94
C ALA D 103 -29.89 -18.52 -7.91
N HIS D 104 -28.62 -18.75 -8.25
CA HIS D 104 -27.66 -19.51 -7.46
C HIS D 104 -26.41 -18.66 -7.22
N ASP D 105 -25.89 -18.71 -5.99
CA ASP D 105 -24.59 -18.09 -5.65
C ASP D 105 -24.63 -16.60 -6.02
N ILE D 106 -23.63 -16.05 -6.72
CA ILE D 106 -23.64 -14.61 -7.01
C ILE D 106 -24.73 -14.22 -7.98
N GLY D 107 -25.45 -15.18 -8.56
CA GLY D 107 -26.66 -14.83 -9.29
C GLY D 107 -27.66 -14.11 -8.40
N ILE D 108 -27.67 -14.43 -7.10
CA ILE D 108 -28.47 -13.70 -6.13
C ILE D 108 -28.01 -12.25 -6.04
N TRP D 109 -26.71 -12.05 -5.89
CA TRP D 109 -26.16 -10.71 -5.76
C TRP D 109 -26.57 -9.84 -6.95
N ASN D 110 -26.59 -10.45 -8.13
CA ASN D 110 -26.79 -9.75 -9.37
C ASN D 110 -28.26 -9.65 -9.75
N THR D 111 -29.17 -10.16 -8.93
CA THR D 111 -30.59 -10.05 -9.24
C THR D 111 -31.40 -9.37 -8.14
N TYR D 112 -31.00 -9.47 -6.88
CA TYR D 112 -31.80 -8.91 -5.79
C TYR D 112 -32.20 -7.45 -6.02
N PRO D 113 -31.30 -6.54 -6.43
CA PRO D 113 -31.77 -5.15 -6.61
C PRO D 113 -32.88 -5.00 -7.64
N MET D 114 -32.85 -5.76 -8.74
CA MET D 114 -33.92 -5.56 -9.70
C MET D 114 -35.21 -6.24 -9.26
N VAL D 115 -35.12 -7.27 -8.41
CA VAL D 115 -36.31 -7.86 -7.82
C VAL D 115 -36.99 -6.87 -6.88
N VAL D 116 -36.22 -6.26 -5.97
CA VAL D 116 -36.84 -5.40 -4.97
C VAL D 116 -37.35 -4.12 -5.62
N LYS D 117 -36.71 -3.66 -6.70
CA LYS D 117 -37.12 -2.41 -7.35
C LYS D 117 -38.20 -2.59 -8.41
N ASN D 118 -38.45 -3.81 -8.88
CA ASN D 118 -39.44 -4.06 -9.94
C ASN D 118 -40.34 -5.22 -9.54
N GLN D 119 -40.97 -5.10 -8.37
CA GLN D 119 -41.63 -6.26 -7.79
C GLN D 119 -42.79 -6.74 -8.62
N ALA D 120 -43.46 -5.83 -9.34
CA ALA D 120 -44.58 -6.23 -10.19
C ALA D 120 -44.10 -7.04 -11.40
N ASP D 121 -42.81 -7.01 -11.71
CA ASP D 121 -42.26 -7.79 -12.81
C ASP D 121 -41.90 -9.21 -12.42
N ILE D 122 -41.95 -9.55 -11.14
CA ILE D 122 -41.45 -10.82 -10.62
C ILE D 122 -42.64 -11.60 -10.07
N ALA D 123 -42.94 -12.74 -10.70
CA ALA D 123 -44.07 -13.53 -10.22
C ALA D 123 -43.66 -14.37 -9.01
N ARG D 124 -42.62 -15.19 -9.15
CA ARG D 124 -42.13 -16.03 -8.07
C ARG D 124 -40.61 -16.02 -8.10
N LEU D 125 -40.01 -16.23 -6.92
CA LEU D 125 -38.57 -16.08 -6.71
C LEU D 125 -38.00 -17.33 -6.04
N VAL D 126 -36.87 -17.82 -6.54
CA VAL D 126 -36.17 -18.95 -5.92
C VAL D 126 -34.70 -18.56 -5.78
N TYR D 127 -34.20 -18.53 -4.56
CA TYR D 127 -32.80 -18.19 -4.29
C TYR D 127 -32.10 -19.38 -3.63
N MET D 128 -30.88 -19.69 -4.06
CA MET D 128 -30.17 -20.82 -3.44
C MET D 128 -28.68 -20.54 -3.29
N GLN D 129 -28.15 -20.83 -2.09
CA GLN D 129 -26.72 -21.02 -1.83
C GLN D 129 -25.88 -19.75 -2.05
N ALA D 130 -26.27 -18.68 -1.36
CA ALA D 130 -25.42 -17.51 -1.14
C ALA D 130 -26.19 -16.49 -0.33
N PRO D 131 -25.53 -15.73 0.52
CA PRO D 131 -26.22 -14.65 1.22
C PRO D 131 -26.58 -13.55 0.23
N ILE D 132 -27.74 -12.96 0.44
CA ILE D 132 -27.91 -11.61 -0.11
C ILE D 132 -26.85 -10.71 0.51
N PRO D 133 -26.15 -9.87 -0.27
CA PRO D 133 -25.10 -9.05 0.34
C PRO D 133 -25.66 -8.09 1.37
N ASP D 134 -25.32 -8.32 2.64
CA ASP D 134 -25.71 -7.45 3.73
C ASP D 134 -24.72 -7.69 4.87
N ALA D 135 -25.00 -7.08 6.02
CA ALA D 135 -24.02 -7.10 7.10
C ALA D 135 -23.77 -8.50 7.65
N ARG D 136 -24.66 -9.46 7.35
CA ARG D 136 -24.46 -10.82 7.83
C ARG D 136 -23.17 -11.43 7.28
N ILE D 137 -22.71 -10.98 6.10
CA ILE D 137 -21.53 -11.60 5.53
C ILE D 137 -20.28 -11.30 6.35
N TYR D 138 -20.30 -10.25 7.17
CA TYR D 138 -19.15 -9.86 7.98
C TYR D 138 -18.96 -10.73 9.22
N ARG D 139 -19.88 -11.67 9.45
CA ARG D 139 -19.77 -12.56 10.59
C ARG D 139 -19.16 -13.92 10.25
N PHE D 140 -19.12 -14.30 8.98
CA PHE D 140 -18.54 -15.59 8.61
C PHE D 140 -17.07 -15.63 9.01
N PRO D 141 -16.58 -16.76 9.53
CA PRO D 141 -15.22 -16.82 10.04
C PRO D 141 -14.17 -17.01 8.94
N ALA D 142 -12.97 -16.49 9.22
CA ALA D 142 -11.83 -16.62 8.32
C ALA D 142 -11.26 -18.04 8.29
N PHE D 143 -11.47 -18.81 9.35
CA PHE D 143 -10.79 -20.09 9.57
C PHE D 143 -11.62 -20.91 10.53
N THR D 144 -11.56 -22.24 10.39
CA THR D 144 -12.35 -23.13 11.23
C THR D 144 -11.46 -24.22 11.83
N ALA D 145 -11.97 -24.85 12.90
CA ALA D 145 -11.27 -25.94 13.57
C ALA D 145 -11.11 -27.17 12.69
N GLN D 146 -11.75 -27.21 11.52
CA GLN D 146 -11.61 -28.29 10.56
C GLN D 146 -10.77 -27.92 9.35
N GLY D 147 -10.38 -26.65 9.21
CA GLY D 147 -9.61 -26.23 8.06
C GLY D 147 -10.21 -25.00 7.40
N GLU D 148 -10.08 -24.90 6.08
CA GLU D 148 -10.50 -23.68 5.41
C GLU D 148 -12.00 -23.46 5.57
N SER D 149 -12.39 -22.19 5.64
CA SER D 149 -13.76 -21.80 5.90
C SER D 149 -14.55 -21.66 4.60
N LEU D 150 -15.83 -21.34 4.75
CA LEU D 150 -16.73 -21.28 3.60
C LEU D 150 -16.44 -20.09 2.69
N VAL D 151 -16.14 -18.94 3.27
CA VAL D 151 -16.09 -17.74 2.44
C VAL D 151 -14.80 -16.95 2.56
N TRP D 152 -13.70 -17.60 2.96
CA TRP D 152 -12.41 -16.90 2.88
C TRP D 152 -12.13 -16.42 1.46
N HIS D 153 -12.71 -17.07 0.46
CA HIS D 153 -12.49 -16.61 -0.90
C HIS D 153 -13.06 -15.22 -1.18
N PHE D 154 -14.01 -14.73 -0.36
CA PHE D 154 -14.47 -13.35 -0.57
C PHE D 154 -13.29 -12.40 -0.53
N SER D 155 -12.39 -12.57 0.44
CA SER D 155 -11.23 -11.67 0.56
C SER D 155 -10.17 -11.95 -0.51
N PHE D 156 -9.93 -13.24 -0.79
CA PHE D 156 -9.01 -13.62 -1.86
C PHE D 156 -9.41 -12.95 -3.17
N PHE D 157 -10.70 -13.07 -3.54
CA PHE D 157 -11.14 -12.56 -4.83
C PHE D 157 -11.23 -11.03 -4.82
N ALA D 158 -11.54 -10.42 -3.67
CA ALA D 158 -11.68 -8.97 -3.60
C ALA D 158 -10.34 -8.25 -3.51
N ALA D 159 -9.25 -8.96 -3.23
CA ALA D 159 -7.95 -8.32 -3.08
C ALA D 159 -7.57 -7.56 -4.35
N ASP D 160 -6.80 -6.47 -4.17
CA ASP D 160 -6.32 -5.69 -5.30
C ASP D 160 -5.06 -6.32 -5.90
N ASP D 161 -4.31 -5.56 -6.70
CA ASP D 161 -3.14 -6.06 -7.42
C ASP D 161 -3.47 -7.21 -8.37
N ARG D 162 -4.75 -7.36 -8.74
CA ARG D 162 -5.21 -8.53 -9.49
C ARG D 162 -4.65 -9.81 -8.87
N LEU D 163 -4.72 -9.89 -7.54
CA LEU D 163 -4.11 -11.01 -6.83
C LEU D 163 -4.64 -12.35 -7.34
N ALA D 164 -5.96 -12.49 -7.42
CA ALA D 164 -6.55 -13.77 -7.82
C ALA D 164 -6.21 -14.11 -9.27
N GLU D 165 -6.39 -13.15 -10.20
CA GLU D 165 -6.05 -13.44 -11.60
C GLU D 165 -4.60 -13.85 -11.75
N THR D 166 -3.72 -13.17 -11.03
CA THR D 166 -2.29 -13.40 -11.24
C THR D 166 -1.88 -14.77 -10.71
N LEU D 167 -2.42 -15.17 -9.57
CA LEU D 167 -2.07 -16.49 -9.02
C LEU D 167 -2.78 -17.63 -9.76
N ILE D 168 -3.98 -17.40 -10.25
CA ILE D 168 -4.75 -18.50 -10.83
C ILE D 168 -4.42 -18.70 -12.31
N ALA D 169 -3.98 -17.65 -13.01
CA ALA D 169 -3.60 -17.80 -14.41
C ALA D 169 -2.54 -18.90 -14.56
N GLY D 170 -2.73 -19.76 -15.56
CA GLY D 170 -1.89 -20.94 -15.72
C GLY D 170 -2.30 -22.13 -14.87
N LYS D 171 -3.20 -21.95 -13.90
CA LYS D 171 -3.64 -23.00 -12.98
C LYS D 171 -5.16 -22.96 -12.82
N GLU D 172 -5.88 -22.58 -13.88
CA GLU D 172 -7.31 -22.34 -13.77
C GLU D 172 -8.06 -23.64 -13.49
N ARG D 173 -7.69 -24.71 -14.18
CA ARG D 173 -8.32 -26.02 -13.97
C ARG D 173 -8.02 -26.57 -12.58
N PHE D 174 -6.76 -26.48 -12.15
CA PHE D 174 -6.40 -26.89 -10.80
C PHE D 174 -7.21 -26.12 -9.76
N PHE D 175 -7.28 -24.80 -9.89
CA PHE D 175 -7.96 -24.02 -8.87
C PHE D 175 -9.45 -24.33 -8.85
N LEU D 176 -10.07 -24.44 -10.02
CA LEU D 176 -11.52 -24.64 -10.05
C LEU D 176 -11.88 -25.99 -9.45
N GLU D 177 -11.08 -27.01 -9.71
CA GLU D 177 -11.37 -28.30 -9.08
C GLU D 177 -11.27 -28.20 -7.57
N HIS D 178 -10.24 -27.52 -7.06
CA HIS D 178 -10.15 -27.38 -5.62
C HIS D 178 -11.35 -26.60 -5.09
N PHE D 179 -11.70 -25.49 -5.74
CA PHE D 179 -12.78 -24.65 -5.25
C PHE D 179 -14.11 -25.39 -5.26
N ILE D 180 -14.41 -26.07 -6.35
CA ILE D 180 -15.69 -26.78 -6.45
C ILE D 180 -15.76 -27.90 -5.43
N LYS D 181 -14.71 -28.72 -5.34
CA LYS D 181 -14.77 -29.87 -4.45
C LYS D 181 -14.70 -29.46 -2.98
N SER D 182 -13.99 -28.37 -2.66
CA SER D 182 -13.96 -27.90 -1.29
C SER D 182 -15.31 -27.36 -0.83
N HIS D 183 -16.17 -26.95 -1.77
CA HIS D 183 -17.51 -26.48 -1.42
C HIS D 183 -18.58 -27.50 -1.73
N ALA D 184 -18.20 -28.75 -2.01
CA ALA D 184 -19.16 -29.78 -2.35
C ALA D 184 -19.30 -30.78 -1.22
N SER D 185 -20.48 -31.41 -1.15
CA SER D 185 -20.63 -32.63 -0.39
C SER D 185 -20.35 -33.86 -1.24
N ASN D 186 -20.92 -33.91 -2.43
CA ASN D 186 -20.81 -35.05 -3.35
CA ASN D 186 -20.78 -35.06 -3.32
C ASN D 186 -19.88 -34.65 -4.48
N THR D 187 -18.58 -34.89 -4.31
CA THR D 187 -17.62 -34.53 -5.34
C THR D 187 -17.74 -35.42 -6.57
N GLU D 188 -18.38 -36.60 -6.44
CA GLU D 188 -18.44 -37.53 -7.56
C GLU D 188 -19.27 -37.01 -8.73
N VAL D 189 -20.13 -36.02 -8.51
CA VAL D 189 -20.98 -35.56 -9.61
C VAL D 189 -20.22 -34.69 -10.60
N PHE D 190 -19.00 -34.28 -10.27
CA PHE D 190 -18.17 -33.44 -11.13
C PHE D 190 -17.13 -34.31 -11.83
N SER D 191 -17.45 -34.72 -13.05
CA SER D 191 -16.51 -35.50 -13.85
C SER D 191 -15.32 -34.63 -14.22
N GLU D 192 -14.21 -35.29 -14.57
CA GLU D 192 -13.05 -34.53 -15.03
C GLU D 192 -13.41 -33.70 -16.26
N ARG D 193 -14.29 -34.21 -17.11
CA ARG D 193 -14.68 -33.49 -18.32
C ARG D 193 -15.54 -32.27 -18.00
N LEU D 194 -16.49 -32.38 -17.07
CA LEU D 194 -17.27 -31.21 -16.67
C LEU D 194 -16.37 -30.11 -16.13
N LEU D 195 -15.38 -30.48 -15.30
CA LEU D 195 -14.47 -29.48 -14.77
C LEU D 195 -13.62 -28.87 -15.87
N ASP D 196 -13.25 -29.66 -16.87
CA ASP D 196 -12.52 -29.14 -18.03
C ASP D 196 -13.33 -28.04 -18.72
N LEU D 197 -14.62 -28.28 -18.93
CA LEU D 197 -15.45 -27.29 -19.62
C LEU D 197 -15.60 -26.02 -18.82
N TYR D 198 -15.88 -26.12 -17.52
CA TYR D 198 -16.01 -24.91 -16.71
C TYR D 198 -14.68 -24.17 -16.64
N ALA D 199 -13.57 -24.91 -16.53
CA ALA D 199 -12.27 -24.26 -16.42
C ALA D 199 -11.91 -23.52 -17.70
N ARG D 200 -12.19 -24.11 -18.87
CA ARG D 200 -11.81 -23.44 -20.11
C ARG D 200 -12.60 -22.16 -20.29
N SER D 201 -13.85 -22.12 -19.81
CA SER D 201 -14.66 -20.91 -19.94
C SER D 201 -14.12 -19.78 -19.08
N TYR D 202 -13.96 -20.02 -17.78
CA TYR D 202 -13.56 -18.90 -16.93
C TYR D 202 -12.08 -18.58 -17.05
N ALA D 203 -11.30 -19.41 -17.75
CA ALA D 203 -9.90 -19.09 -17.98
C ALA D 203 -9.70 -18.03 -19.05
N LYS D 204 -10.72 -17.74 -19.87
CA LYS D 204 -10.62 -16.61 -20.76
C LYS D 204 -10.23 -15.38 -19.94
N PRO D 205 -9.20 -14.62 -20.36
CA PRO D 205 -8.72 -13.53 -19.48
C PRO D 205 -9.81 -12.57 -19.04
N HIS D 206 -10.69 -12.13 -19.95
CA HIS D 206 -11.72 -11.20 -19.49
C HIS D 206 -12.70 -11.89 -18.55
N SER D 207 -12.88 -13.21 -18.68
CA SER D 207 -13.78 -13.94 -17.81
C SER D 207 -13.16 -14.20 -16.44
N LEU D 208 -11.86 -14.52 -16.41
CA LEU D 208 -11.17 -14.66 -15.13
C LEU D 208 -11.25 -13.37 -14.33
N ASN D 209 -10.99 -12.24 -14.99
CA ASN D 209 -11.09 -10.96 -14.30
C ASN D 209 -12.53 -10.65 -13.90
N ALA D 210 -13.50 -10.84 -14.82
CA ALA D 210 -14.89 -10.56 -14.48
C ALA D 210 -15.33 -11.33 -13.25
N SER D 211 -14.90 -12.60 -13.15
CA SER D 211 -15.23 -13.44 -11.99
C SER D 211 -14.94 -12.72 -10.69
N PHE D 212 -13.73 -12.15 -10.58
CA PHE D 212 -13.32 -11.54 -9.32
C PHE D 212 -13.84 -10.11 -9.16
N GLU D 213 -14.18 -9.43 -10.26
CA GLU D 213 -14.75 -8.09 -10.12
C GLU D 213 -16.09 -8.10 -9.39
N TYR D 214 -16.85 -9.20 -9.50
CA TYR D 214 -18.08 -9.28 -8.70
C TYR D 214 -17.77 -9.19 -7.22
N TYR D 215 -16.67 -9.81 -6.79
CA TYR D 215 -16.27 -9.75 -5.38
C TYR D 215 -15.63 -8.42 -5.02
N ARG D 216 -14.93 -7.80 -5.97
CA ARG D 216 -14.37 -6.47 -5.69
C ARG D 216 -15.47 -5.42 -5.56
N ALA D 217 -16.68 -5.73 -6.02
CA ALA D 217 -17.82 -4.85 -5.82
C ALA D 217 -18.71 -5.28 -4.67
N LEU D 218 -18.32 -6.32 -3.92
CA LEU D 218 -19.22 -6.88 -2.90
C LEU D 218 -19.57 -5.85 -1.83
N ASN D 219 -18.57 -5.13 -1.30
CA ASN D 219 -18.90 -4.17 -0.24
C ASN D 219 -19.79 -3.06 -0.78
N GLU D 220 -19.59 -2.65 -2.04
CA GLU D 220 -20.49 -1.68 -2.64
C GLU D 220 -21.91 -2.23 -2.73
N SER D 221 -22.04 -3.51 -3.10
CA SER D 221 -23.37 -4.13 -3.17
C SER D 221 -24.03 -4.19 -1.78
N VAL D 222 -23.24 -4.50 -0.73
CA VAL D 222 -23.77 -4.44 0.63
C VAL D 222 -24.33 -3.06 0.93
N ARG D 223 -23.56 -2.01 0.59
CA ARG D 223 -24.02 -0.66 0.88
C ARG D 223 -25.28 -0.33 0.08
N GLN D 224 -25.31 -0.71 -1.20
CA GLN D 224 -26.52 -0.51 -2.00
C GLN D 224 -27.72 -1.20 -1.38
N ASN D 225 -27.53 -2.44 -0.93
CA ASN D 225 -28.66 -3.22 -0.43
C ASN D 225 -29.15 -2.69 0.91
N ALA D 226 -28.30 -1.98 1.67
CA ALA D 226 -28.75 -1.40 2.92
C ALA D 226 -29.90 -0.43 2.69
N GLU D 227 -29.86 0.31 1.57
CA GLU D 227 -30.97 1.19 1.23
C GLU D 227 -32.12 0.42 0.59
N LEU D 228 -31.82 -0.52 -0.31
CA LEU D 228 -32.88 -1.22 -1.02
C LEU D 228 -33.76 -2.03 -0.07
N ALA D 229 -33.15 -2.59 0.98
CA ALA D 229 -33.85 -3.52 1.86
C ALA D 229 -34.89 -2.83 2.76
N LYS D 230 -35.01 -1.51 2.69
CA LYS D 230 -36.12 -0.83 3.35
C LYS D 230 -37.46 -1.24 2.75
N THR D 231 -37.47 -1.81 1.54
CA THR D 231 -38.68 -2.33 0.89
C THR D 231 -38.64 -3.86 0.94
N ARG D 232 -39.57 -4.44 1.70
CA ARG D 232 -39.67 -5.89 1.81
C ARG D 232 -40.13 -6.52 0.49
N LEU D 233 -39.74 -7.77 0.28
CA LEU D 233 -40.17 -8.53 -0.91
C LEU D 233 -41.56 -9.10 -0.67
N GLN D 234 -42.46 -8.91 -1.65
CA GLN D 234 -43.84 -9.33 -1.48
C GLN D 234 -44.23 -10.57 -2.28
N MET D 235 -43.41 -11.02 -3.24
CA MET D 235 -43.79 -12.14 -4.08
C MET D 235 -43.49 -13.48 -3.39
N PRO D 236 -44.18 -14.56 -3.77
CA PRO D 236 -43.86 -15.88 -3.21
C PRO D 236 -42.41 -16.24 -3.48
N THR D 237 -41.71 -16.67 -2.43
CA THR D 237 -40.29 -16.94 -2.48
CA THR D 237 -40.29 -16.98 -2.54
C THR D 237 -40.01 -18.32 -1.89
N MET D 238 -39.03 -19.02 -2.47
CA MET D 238 -38.50 -20.26 -1.94
C MET D 238 -36.99 -20.15 -1.86
N THR D 239 -36.42 -20.63 -0.76
CA THR D 239 -34.97 -20.77 -0.65
C THR D 239 -34.60 -22.24 -0.62
N LEU D 240 -33.44 -22.56 -1.19
CA LEU D 240 -32.86 -23.89 -1.11
C LEU D 240 -31.42 -23.77 -0.62
N ALA D 241 -30.99 -24.75 0.16
CA ALA D 241 -29.64 -24.74 0.68
C ALA D 241 -29.19 -26.18 0.85
N GLY D 242 -27.87 -26.40 0.77
CA GLY D 242 -27.35 -27.73 1.07
C GLY D 242 -27.23 -27.92 2.57
N GLY D 243 -27.50 -29.16 3.02
CA GLY D 243 -27.29 -29.50 4.41
C GLY D 243 -25.94 -30.10 4.73
N GLY D 244 -25.17 -30.50 3.72
CA GLY D 244 -23.87 -31.10 3.92
C GLY D 244 -22.74 -30.10 3.83
N HIS D 245 -21.51 -30.64 3.79
CA HIS D 245 -20.31 -29.81 3.65
C HIS D 245 -20.43 -28.90 2.43
N GLY D 246 -20.10 -27.62 2.63
CA GLY D 246 -20.25 -26.61 1.63
C GLY D 246 -21.59 -25.90 1.64
N GLY D 247 -22.58 -26.46 2.33
CA GLY D 247 -23.91 -25.89 2.29
C GLY D 247 -24.11 -24.77 3.29
N MET D 248 -25.07 -23.90 2.98
CA MET D 248 -25.43 -22.81 3.89
C MET D 248 -26.35 -23.26 5.03
N GLY D 249 -26.94 -24.45 4.93
CA GLY D 249 -27.80 -24.89 6.01
C GLY D 249 -28.95 -23.93 6.23
N THR D 250 -29.28 -23.68 7.50
CA THR D 250 -30.44 -22.85 7.83
C THR D 250 -30.23 -21.37 7.53
N PHE D 251 -28.99 -20.94 7.24
CA PHE D 251 -28.74 -19.52 7.00
C PHE D 251 -29.60 -18.96 5.88
N GLN D 252 -29.77 -19.72 4.79
CA GLN D 252 -30.45 -19.18 3.61
C GLN D 252 -31.87 -18.75 3.94
N LEU D 253 -32.64 -19.66 4.55
CA LEU D 253 -34.02 -19.30 4.88
C LEU D 253 -34.07 -18.25 5.98
N GLU D 254 -33.19 -18.36 6.97
CA GLU D 254 -33.26 -17.43 8.09
C GLU D 254 -32.95 -16.01 7.63
N GLN D 255 -31.98 -15.85 6.74
CA GLN D 255 -31.74 -14.52 6.16
C GLN D 255 -32.93 -14.06 5.34
N MET D 256 -33.49 -14.96 4.52
CA MET D 256 -34.56 -14.55 3.63
C MET D 256 -35.81 -14.12 4.39
N LYS D 257 -36.03 -14.68 5.58
CA LYS D 257 -37.17 -14.27 6.39
C LYS D 257 -37.13 -12.78 6.71
N ALA D 258 -35.93 -12.19 6.78
CA ALA D 258 -35.82 -10.76 7.03
C ALA D 258 -36.14 -9.93 5.79
N TYR D 259 -36.13 -10.55 4.62
CA TYR D 259 -36.36 -9.83 3.37
C TYR D 259 -37.74 -10.04 2.78
N ALA D 260 -38.35 -11.19 3.03
CA ALA D 260 -39.53 -11.60 2.29
C ALA D 260 -40.67 -11.94 3.24
N GLU D 261 -41.86 -11.45 2.91
CA GLU D 261 -43.03 -11.74 3.73
C GLU D 261 -43.53 -13.17 3.51
N ASP D 262 -43.38 -13.71 2.32
CA ASP D 262 -43.97 -14.99 1.93
C ASP D 262 -42.84 -15.89 1.44
N VAL D 263 -42.25 -16.67 2.36
CA VAL D 263 -41.08 -17.48 2.03
C VAL D 263 -41.20 -18.86 2.66
N GLU D 264 -40.81 -19.88 1.90
CA GLU D 264 -40.62 -21.23 2.39
C GLU D 264 -39.20 -21.65 2.05
N GLY D 265 -38.62 -22.53 2.85
CA GLY D 265 -37.25 -22.93 2.63
C GLY D 265 -37.08 -24.42 2.79
N HIS D 266 -36.06 -24.94 2.12
CA HIS D 266 -35.68 -26.35 2.25
C HIS D 266 -34.17 -26.45 2.39
N VAL D 267 -33.73 -27.38 3.23
CA VAL D 267 -32.34 -27.74 3.37
C VAL D 267 -32.21 -29.19 2.90
N LEU D 268 -31.31 -29.42 1.95
CA LEU D 268 -31.20 -30.71 1.28
C LEU D 268 -30.05 -31.49 1.89
N PRO D 269 -30.32 -32.53 2.68
CA PRO D 269 -29.23 -33.33 3.26
C PRO D 269 -28.40 -34.04 2.19
N GLY D 270 -27.11 -34.17 2.46
CA GLY D 270 -26.20 -34.82 1.54
C GLY D 270 -25.79 -33.98 0.36
N CYS D 271 -26.05 -32.68 0.41
CA CYS D 271 -25.76 -31.74 -0.67
C CYS D 271 -24.95 -30.58 -0.13
N GLY D 272 -23.98 -30.15 -0.92
CA GLY D 272 -23.21 -28.97 -0.56
C GLY D 272 -23.65 -27.70 -1.28
N HIS D 273 -22.68 -27.01 -1.88
CA HIS D 273 -22.97 -25.72 -2.50
C HIS D 273 -23.59 -25.85 -3.89
N TRP D 274 -23.27 -26.91 -4.62
CA TRP D 274 -23.58 -26.99 -6.05
C TRP D 274 -24.86 -27.78 -6.28
N LEU D 275 -25.97 -27.23 -5.76
CA LEU D 275 -27.25 -27.96 -5.78
C LEU D 275 -27.65 -28.47 -7.16
N PRO D 276 -27.59 -27.68 -8.24
CA PRO D 276 -28.02 -28.22 -9.54
C PRO D 276 -27.29 -29.48 -9.97
N GLU D 277 -26.04 -29.65 -9.56
CA GLU D 277 -25.25 -30.83 -9.91
C GLU D 277 -25.21 -31.88 -8.82
N GLU D 278 -25.03 -31.48 -7.56
CA GLU D 278 -24.93 -32.46 -6.49
C GLU D 278 -26.29 -33.10 -6.18
N CYS D 279 -27.37 -32.35 -6.36
CA CYS D 279 -28.67 -32.83 -5.97
C CYS D 279 -29.69 -32.39 -7.03
N ALA D 280 -29.37 -32.74 -8.28
CA ALA D 280 -30.15 -32.30 -9.44
C ALA D 280 -31.61 -32.74 -9.32
N ALA D 281 -31.86 -34.02 -9.04
CA ALA D 281 -33.25 -34.49 -9.05
C ALA D 281 -34.11 -33.81 -7.99
N PRO D 282 -33.75 -33.81 -6.70
CA PRO D 282 -34.61 -33.12 -5.73
C PRO D 282 -34.64 -31.63 -5.92
N MET D 283 -33.53 -31.00 -6.30
CA MET D 283 -33.57 -29.57 -6.55
C MET D 283 -34.53 -29.24 -7.67
N ASN D 284 -34.44 -29.97 -8.79
CA ASN D 284 -35.34 -29.72 -9.92
C ASN D 284 -36.79 -29.90 -9.50
N ARG D 285 -37.08 -30.98 -8.76
CA ARG D 285 -38.46 -31.22 -8.32
C ARG D 285 -38.99 -30.07 -7.48
N LEU D 286 -38.18 -29.57 -6.54
CA LEU D 286 -38.67 -28.51 -5.67
C LEU D 286 -38.89 -27.22 -6.45
N VAL D 287 -38.00 -26.91 -7.39
CA VAL D 287 -38.15 -25.71 -8.21
C VAL D 287 -39.38 -25.82 -9.12
N ILE D 288 -39.47 -26.94 -9.87
CA ILE D 288 -40.60 -27.10 -10.79
C ILE D 288 -41.93 -27.00 -10.05
N ASP D 289 -42.03 -27.70 -8.91
CA ASP D 289 -43.29 -27.70 -8.16
C ASP D 289 -43.60 -26.32 -7.60
N PHE D 290 -42.61 -25.62 -7.05
CA PHE D 290 -42.85 -24.28 -6.52
C PHE D 290 -43.33 -23.33 -7.62
N LEU D 291 -42.68 -23.39 -8.80
CA LEU D 291 -43.07 -22.47 -9.86
C LEU D 291 -44.38 -22.88 -10.51
N SER D 292 -44.73 -24.15 -10.47
CA SER D 292 -45.96 -24.61 -11.08
C SER D 292 -47.19 -24.33 -10.25
N ARG D 293 -47.03 -23.89 -8.99
CA ARG D 293 -48.17 -23.36 -8.26
C ARG D 293 -48.70 -22.07 -8.86
N GLY D 294 -47.88 -21.35 -9.62
CA GLY D 294 -48.26 -20.13 -10.30
C GLY D 294 -48.85 -20.32 -11.68
N ARG D 295 -49.10 -21.57 -12.09
CA ARG D 295 -49.65 -21.92 -13.40
C ARG D 295 -48.67 -21.58 -14.52
N HIS D 296 -48.85 -22.19 -15.67
CA HIS D 296 -47.79 -22.30 -16.66
C HIS D 296 -48.33 -22.64 -18.03
C1 7F6 E . -3.37 17.56 -2.20
C2 7F6 E . -4.15 16.54 -2.98
C3 7F6 E . -3.44 15.20 -3.09
C4 7F6 E . -2.59 14.95 -4.17
C5 7F6 E . -1.91 13.74 -4.29
C6 7F6 E . -2.07 12.73 -3.33
C8 7F6 E . -3.57 14.21 -2.13
C7 7F6 E . -2.90 12.98 -2.24
O1 7F6 E . -2.21 17.85 -2.89
C9 7F6 E . -3.09 17.10 -0.80
C14 7F6 E . -4.02 17.33 0.20
C13 7F6 E . -3.78 16.89 1.51
C12 7F6 E . -2.60 16.23 1.82
C11 7F6 E . -1.67 15.99 0.82
C10 7F6 E . -1.92 16.44 -0.48
C1 7F6 F . 0.37 -14.26 10.78
C2 7F6 F . 1.63 -13.77 10.13
C3 7F6 F . 1.42 -12.94 8.86
C4 7F6 F . 1.11 -11.57 8.89
C5 7F6 F . 0.91 -10.82 7.73
C6 7F6 F . 1.02 -11.45 6.49
C8 7F6 F . 1.52 -13.54 7.62
C7 7F6 F . 1.32 -12.82 6.45
O1 7F6 F . -0.24 -15.16 9.92
C9 7F6 F . -0.52 -13.10 11.14
C14 7F6 F . -1.58 -12.70 10.33
C13 7F6 F . -2.37 -11.61 10.66
C12 7F6 F . -2.12 -10.91 11.82
C11 7F6 F . -1.07 -11.29 12.64
C10 7F6 F . -0.27 -12.37 12.31
#